data_2FVL
#
_entry.id   2FVL
#
_cell.length_a   166.008
_cell.length_b   166.008
_cell.length_c   194.942
_cell.angle_alpha   90.00
_cell.angle_beta   90.00
_cell.angle_gamma   90.00
#
_symmetry.space_group_name_H-M   'P 43 21 2'
#
loop_
_entity.id
_entity.type
_entity.pdbx_description
1 polymer 'Aldo-keto reductase family 1, member C4'
2 non-polymer 'NADP NICOTINAMIDE-ADENINE-DINUCLEOTIDE PHOSPHATE'
3 water water
#
_entity_poly.entity_id   1
_entity_poly.type   'polypeptide(L)'
_entity_poly.pdbx_seq_one_letter_code
;SMDPKYQRVELNDGHFMPVLGFGTYAPPEVPRNRAVEVTKLAIEAGFRHIDSAYLYNNEEQVGLAIRSKIADGSVKREDI
FYTSKLWCTFFQPQMVQPALESSLKKLQLDYVDLYLLHFPMALKPGETPLPKDENGKVIFDTVDLSATWEVMEKCKDAGL
AKSIGVSNFNYRQLEMILNKPGLKYKPVCNQVECHPYLNQSKLLDFCKSKDIVLVAHSALGTQRHKLWVDPNSPVLLEDP
VLCALAKKHKRTPALIALRYQLQRGVVVLAKSYNEQRIRENIQVFEFQLTSEDMKVLDGLNRNYRYVVMDFLMDHPDYPF
SDEY
;
_entity_poly.pdbx_strand_id   A,B,C
#
loop_
_chem_comp.id
_chem_comp.type
_chem_comp.name
_chem_comp.formula
NAP non-polymer 'NADP NICOTINAMIDE-ADENINE-DINUCLEOTIDE PHOSPHATE' 'C21 H28 N7 O17 P3'
#
# COMPACT_ATOMS: atom_id res chain seq x y z
N MET A 2 1.53 -1.14 44.89
CA MET A 2 2.88 -1.72 45.12
C MET A 2 2.96 -3.23 44.87
N ASP A 3 1.83 -3.94 45.01
CA ASP A 3 1.69 -5.29 44.46
C ASP A 3 1.76 -5.12 42.95
N PRO A 4 2.60 -5.93 42.26
CA PRO A 4 2.78 -5.82 40.81
C PRO A 4 1.47 -5.80 40.00
N LYS A 5 0.40 -6.39 40.52
CA LYS A 5 -0.85 -6.51 39.78
C LYS A 5 -1.55 -5.17 39.58
N TYR A 6 -1.10 -4.16 40.32
CA TYR A 6 -1.61 -2.80 40.21
C TYR A 6 -0.77 -1.92 39.30
N GLN A 7 0.17 -2.51 38.56
CA GLN A 7 1.04 -1.75 37.66
C GLN A 7 0.20 -1.01 36.59
N ARG A 8 0.63 0.22 36.32
CA ARG A 8 -0.03 1.13 35.38
C ARG A 8 1.01 1.75 34.45
N VAL A 9 0.57 2.22 33.29
CA VAL A 9 1.43 2.92 32.33
C VAL A 9 0.90 4.36 32.18
N GLU A 10 1.81 5.32 32.06
CA GLU A 10 1.42 6.71 31.85
C GLU A 10 0.97 6.95 30.39
N LEU A 11 -0.24 7.47 30.25
CA LEU A 11 -0.77 7.82 28.93
C LEU A 11 -0.23 9.18 28.47
N ASN A 12 -0.40 9.50 27.18
CA ASN A 12 0.17 10.75 26.66
C ASN A 12 -0.54 12.03 27.15
N ASP A 13 -1.68 11.87 27.83
CA ASP A 13 -2.39 12.98 28.51
C ASP A 13 -2.12 13.08 30.03
N GLY A 14 -1.22 12.27 30.56
CA GLY A 14 -0.88 12.32 31.97
C GLY A 14 -1.65 11.39 32.89
N HIS A 15 -2.69 10.73 32.38
CA HIS A 15 -3.46 9.77 33.17
C HIS A 15 -2.75 8.42 33.09
N PHE A 16 -3.12 7.50 34.00
CA PHE A 16 -2.46 6.21 34.11
C PHE A 16 -3.45 5.09 33.88
N MET A 17 -3.02 4.09 33.13
CA MET A 17 -3.84 2.97 32.72
C MET A 17 -3.20 1.68 33.25
N PRO A 18 -3.97 0.88 34.04
CA PRO A 18 -3.47 -0.44 34.43
C PRO A 18 -3.15 -1.34 33.23
N VAL A 19 -2.06 -2.09 33.34
CA VAL A 19 -1.52 -2.84 32.20
C VAL A 19 -2.29 -4.14 31.89
N LEU A 20 -3.14 -4.58 32.82
CA LEU A 20 -4.03 -5.72 32.61
C LEU A 20 -5.48 -5.27 32.77
N GLY A 21 -6.31 -5.54 31.77
CA GLY A 21 -7.70 -5.18 31.81
C GLY A 21 -8.64 -6.36 31.75
N PHE A 22 -9.84 -6.17 32.29
CA PHE A 22 -10.88 -7.21 32.30
C PHE A 22 -11.87 -6.99 31.17
N GLY A 23 -11.92 -7.93 30.23
CA GLY A 23 -12.90 -7.87 29.15
C GLY A 23 -14.26 -8.38 29.60
N THR A 24 -15.32 -7.63 29.27
CA THR A 24 -16.68 -7.83 29.78
C THR A 24 -17.72 -8.28 28.73
N TYR A 25 -17.33 -8.40 27.46
CA TYR A 25 -18.31 -8.83 26.43
C TYR A 25 -18.70 -10.29 26.61
N ALA A 26 -20.00 -10.56 26.70
CA ALA A 26 -20.54 -11.90 26.63
C ALA A 26 -21.62 -11.88 25.58
N PRO A 27 -21.74 -12.97 24.81
CA PRO A 27 -22.76 -13.03 23.77
C PRO A 27 -24.14 -12.96 24.39
N PRO A 28 -25.15 -12.53 23.60
CA PRO A 28 -26.49 -12.21 24.09
C PRO A 28 -27.22 -13.34 24.83
N GLU A 29 -26.88 -14.59 24.53
CA GLU A 29 -27.53 -15.72 25.16
C GLU A 29 -27.21 -15.85 26.66
N VAL A 30 -26.05 -15.36 27.07
CA VAL A 30 -25.63 -15.43 28.47
C VAL A 30 -26.53 -14.50 29.33
N PRO A 31 -27.07 -15.01 30.45
CA PRO A 31 -27.88 -14.17 31.36
C PRO A 31 -27.21 -12.81 31.67
N ARG A 32 -27.99 -11.74 31.62
CA ARG A 32 -27.46 -10.38 31.77
C ARG A 32 -26.84 -10.15 33.12
N ASN A 33 -27.46 -10.73 34.15
CA ASN A 33 -26.96 -10.57 35.52
C ASN A 33 -25.61 -11.25 35.81
N ARG A 34 -25.16 -12.13 34.92
CA ARG A 34 -23.84 -12.74 35.04
C ARG A 34 -22.70 -11.71 35.02
N ALA A 35 -22.83 -10.68 34.19
CA ALA A 35 -21.84 -9.58 34.10
C ALA A 35 -21.61 -8.89 35.43
N VAL A 36 -22.66 -8.79 36.24
CA VAL A 36 -22.56 -8.19 37.57
C VAL A 36 -21.66 -9.05 38.44
N GLU A 37 -21.94 -10.35 38.47
CA GLU A 37 -21.21 -11.28 39.32
C GLU A 37 -19.73 -11.39 38.97
N VAL A 38 -19.42 -11.57 37.68
CA VAL A 38 -18.04 -11.80 37.25
C VAL A 38 -17.18 -10.53 37.28
N THR A 39 -17.81 -9.36 37.21
CA THR A 39 -17.11 -8.09 37.37
C THR A 39 -16.76 -7.83 38.85
N LYS A 40 -17.66 -8.18 39.75
CA LYS A 40 -17.38 -8.19 41.18
C LYS A 40 -16.24 -9.14 41.49
N LEU A 41 -16.30 -10.35 40.95
CA LEU A 41 -15.23 -11.34 41.11
C LEU A 41 -13.87 -10.87 40.58
N ALA A 42 -13.89 -10.20 39.44
CA ALA A 42 -12.67 -9.66 38.84
C ALA A 42 -12.03 -8.60 39.75
N ILE A 43 -12.85 -7.71 40.30
CA ILE A 43 -12.39 -6.66 41.21
C ILE A 43 -11.79 -7.29 42.49
N GLU A 44 -12.50 -8.27 43.07
CA GLU A 44 -11.95 -9.05 44.19
C GLU A 44 -10.59 -9.68 43.87
N ALA A 45 -10.41 -10.14 42.64
CA ALA A 45 -9.19 -10.79 42.18
C ALA A 45 -8.03 -9.80 42.06
N GLY A 46 -8.37 -8.55 41.77
CA GLY A 46 -7.42 -7.45 41.73
C GLY A 46 -7.41 -6.67 40.42
N PHE A 47 -8.34 -7.00 39.51
CA PHE A 47 -8.55 -6.25 38.29
C PHE A 47 -9.10 -4.87 38.61
N ARG A 48 -8.59 -3.85 37.93
CA ARG A 48 -9.00 -2.47 38.13
C ARG A 48 -9.39 -1.78 36.82
N HIS A 49 -8.79 -2.23 35.72
CA HIS A 49 -9.10 -1.77 34.37
C HIS A 49 -10.20 -2.70 33.86
N ILE A 50 -11.34 -2.10 33.51
CA ILE A 50 -12.53 -2.82 33.04
C ILE A 50 -12.95 -2.28 31.67
N ASP A 51 -13.01 -3.15 30.66
CA ASP A 51 -13.34 -2.73 29.30
C ASP A 51 -14.77 -3.10 28.88
N SER A 52 -15.57 -2.09 28.55
CA SER A 52 -16.90 -2.34 27.98
C SER A 52 -17.22 -1.44 26.79
N ALA A 53 -18.50 -1.36 26.42
CA ALA A 53 -18.96 -0.65 25.23
C ALA A 53 -20.46 -0.63 25.16
N TYR A 54 -21.02 0.37 24.50
CA TYR A 54 -22.46 0.37 24.14
C TYR A 54 -22.88 -0.95 23.48
N LEU A 55 -22.06 -1.44 22.57
CA LEU A 55 -22.38 -2.64 21.80
C LEU A 55 -22.57 -3.90 22.65
N TYR A 56 -21.88 -3.96 23.78
CA TYR A 56 -21.89 -5.15 24.62
C TYR A 56 -23.20 -5.30 25.39
N ASN A 57 -24.01 -4.25 25.45
CA ASN A 57 -25.32 -4.28 26.11
C ASN A 57 -25.19 -4.77 27.56
N ASN A 58 -24.21 -4.24 28.28
CA ASN A 58 -23.94 -4.66 29.64
C ASN A 58 -23.59 -3.54 30.62
N GLU A 59 -23.69 -2.27 30.20
CA GLU A 59 -23.12 -1.18 30.99
C GLU A 59 -23.88 -0.96 32.30
N GLU A 60 -25.16 -1.29 32.31
CA GLU A 60 -25.98 -1.22 33.49
C GLU A 60 -25.52 -2.23 34.56
N GLN A 61 -25.15 -3.41 34.07
CA GLN A 61 -24.66 -4.50 34.91
C GLN A 61 -23.22 -4.31 35.39
N VAL A 62 -22.32 -3.91 34.48
CA VAL A 62 -20.94 -3.59 34.85
C VAL A 62 -20.87 -2.39 35.81
N GLY A 63 -21.69 -1.37 35.56
CA GLY A 63 -21.77 -0.22 36.46
C GLY A 63 -22.26 -0.60 37.85
N LEU A 64 -23.27 -1.47 37.91
CA LEU A 64 -23.77 -1.97 39.19
C LEU A 64 -22.70 -2.67 40.04
N ALA A 65 -21.89 -3.51 39.39
CA ALA A 65 -20.77 -4.20 40.01
C ALA A 65 -19.69 -3.24 40.54
N ILE A 66 -19.32 -2.27 39.72
CA ILE A 66 -18.36 -1.22 40.11
C ILE A 66 -18.85 -0.44 41.34
N ARG A 67 -20.09 0.04 41.27
CA ARG A 67 -20.67 0.86 42.33
C ARG A 67 -20.92 0.07 43.61
N SER A 68 -21.26 -1.20 43.44
CA SER A 68 -21.41 -2.09 44.58
C SER A 68 -20.07 -2.28 45.29
N LYS A 69 -18.98 -2.43 44.53
CA LYS A 69 -17.64 -2.53 45.13
C LYS A 69 -17.08 -1.19 45.69
N ILE A 70 -17.58 -0.06 45.21
CA ILE A 70 -17.32 1.22 45.85
C ILE A 70 -18.15 1.33 47.15
N ALA A 71 -19.45 1.01 47.07
CA ALA A 71 -20.31 1.01 48.27
C ALA A 71 -19.75 0.01 49.29
N ASP A 72 -19.65 -1.28 48.94
CA ASP A 72 -18.50 -2.10 49.39
C ASP A 72 -18.12 -3.54 48.94
N GLY A 73 -16.93 -3.56 48.35
CA GLY A 73 -15.96 -4.69 48.39
C GLY A 73 -14.63 -3.97 48.20
N SER A 74 -14.41 -3.01 49.08
CA SER A 74 -13.81 -1.74 48.74
C SER A 74 -12.76 -1.60 47.63
N VAL A 75 -13.14 -0.76 46.69
CA VAL A 75 -12.26 0.00 45.86
C VAL A 75 -12.80 1.43 45.98
N LYS A 76 -12.04 2.41 45.52
CA LYS A 76 -12.53 3.78 45.36
C LYS A 76 -12.73 4.01 43.86
N ARG A 77 -13.55 4.97 43.49
CA ARG A 77 -13.73 5.30 42.08
C ARG A 77 -12.39 5.55 41.35
N GLU A 78 -11.48 6.27 42.00
CA GLU A 78 -10.20 6.61 41.38
C GLU A 78 -9.29 5.40 41.13
N ASP A 79 -9.53 4.29 41.84
CA ASP A 79 -8.78 3.04 41.65
C ASP A 79 -9.25 2.27 40.42
N ILE A 80 -10.49 2.49 40.00
CA ILE A 80 -11.06 1.84 38.83
C ILE A 80 -10.75 2.65 37.60
N PHE A 81 -10.41 1.92 36.53
CA PHE A 81 -10.21 2.50 35.20
C PHE A 81 -11.23 1.87 34.29
N TYR A 82 -12.32 2.59 34.01
CA TYR A 82 -13.40 2.08 33.18
C TYR A 82 -13.38 2.64 31.73
N THR A 83 -13.39 1.73 30.76
CA THR A 83 -13.43 2.08 29.35
C THR A 83 -14.80 1.82 28.74
N SER A 84 -15.36 2.80 28.04
CA SER A 84 -16.48 2.54 27.12
C SER A 84 -16.08 2.93 25.71
N LYS A 85 -16.95 2.64 24.75
CA LYS A 85 -16.66 2.87 23.34
C LYS A 85 -17.89 3.45 22.63
N LEU A 86 -17.66 4.46 21.80
CA LEU A 86 -18.71 5.05 20.97
C LEU A 86 -18.92 4.14 19.76
N TRP A 87 -20.15 3.64 19.62
CA TRP A 87 -20.47 2.78 18.49
C TRP A 87 -20.68 3.59 17.22
N CYS A 88 -20.31 2.96 16.11
CA CYS A 88 -20.40 3.49 14.73
C CYS A 88 -21.63 4.25 14.25
N THR A 89 -22.79 4.01 14.88
CA THR A 89 -24.03 4.65 14.46
C THR A 89 -24.23 6.01 15.16
N PHE A 90 -23.30 6.37 16.05
CA PHE A 90 -23.34 7.65 16.77
C PHE A 90 -22.16 8.55 16.42
N PHE A 91 -21.57 8.36 15.24
CA PHE A 91 -20.36 9.10 14.83
C PHE A 91 -20.63 10.51 14.33
N GLN A 92 -21.88 10.81 13.99
CA GLN A 92 -22.21 12.17 13.61
C GLN A 92 -22.01 13.06 14.85
N PRO A 93 -21.31 14.21 14.68
CA PRO A 93 -20.89 15.08 15.79
C PRO A 93 -21.98 15.38 16.84
N GLN A 94 -23.21 15.64 16.37
CA GLN A 94 -24.32 16.00 17.26
C GLN A 94 -24.85 14.85 18.12
N MET A 95 -24.44 13.62 17.84
CA MET A 95 -24.87 12.48 18.66
C MET A 95 -23.76 11.75 19.42
N VAL A 96 -22.54 12.29 19.33
CA VAL A 96 -21.39 11.79 20.10
C VAL A 96 -21.53 12.01 21.60
N GLN A 97 -21.79 13.24 22.01
CA GLN A 97 -21.90 13.54 23.44
C GLN A 97 -23.12 12.90 24.11
N PRO A 98 -24.30 12.97 23.46
CA PRO A 98 -25.44 12.25 24.00
C PRO A 98 -25.24 10.74 24.15
N ALA A 99 -24.47 10.13 23.23
CA ALA A 99 -24.12 8.72 23.31
C ALA A 99 -23.30 8.41 24.56
N LEU A 100 -22.28 9.23 24.85
CA LEU A 100 -21.50 9.13 26.10
C LEU A 100 -22.38 9.33 27.34
N GLU A 101 -23.20 10.37 27.32
CA GLU A 101 -24.09 10.67 28.45
C GLU A 101 -25.11 9.58 28.71
N SER A 102 -25.57 8.93 27.63
CA SER A 102 -26.46 7.76 27.71
C SER A 102 -25.79 6.58 28.44
N SER A 103 -24.55 6.28 28.07
CA SER A 103 -23.73 5.23 28.71
C SER A 103 -23.51 5.52 30.19
N LEU A 104 -23.15 6.76 30.48
CA LEU A 104 -23.00 7.24 31.85
C LEU A 104 -24.29 7.14 32.66
N LYS A 105 -25.45 7.35 32.02
CA LYS A 105 -26.76 7.18 32.68
C LYS A 105 -27.03 5.72 33.08
N LYS A 106 -26.69 4.77 32.20
CA LYS A 106 -26.81 3.33 32.49
C LYS A 106 -25.80 2.87 33.55
N LEU A 107 -24.56 3.35 33.43
CA LEU A 107 -23.51 3.09 34.42
C LEU A 107 -23.77 3.67 35.80
N GLN A 108 -24.47 4.81 35.83
CA GLN A 108 -24.65 5.64 37.01
C GLN A 108 -23.31 6.13 37.60
N LEU A 109 -22.34 6.38 36.70
CA LEU A 109 -21.07 7.00 37.01
C LEU A 109 -21.04 8.41 36.40
N ASP A 110 -20.17 9.26 36.94
CA ASP A 110 -20.05 10.65 36.51
C ASP A 110 -19.14 10.82 35.30
N TYR A 111 -18.22 9.86 35.11
CA TYR A 111 -17.25 9.92 34.03
C TYR A 111 -16.82 8.52 33.67
N VAL A 112 -16.27 8.36 32.46
CA VAL A 112 -15.50 7.18 32.09
C VAL A 112 -14.02 7.56 32.11
N ASP A 113 -13.15 6.60 32.36
CA ASP A 113 -11.71 6.86 32.33
C ASP A 113 -11.20 6.94 30.90
N LEU A 114 -11.88 6.22 29.99
CA LEU A 114 -11.48 6.15 28.60
C LEU A 114 -12.73 5.97 27.72
N TYR A 115 -12.78 6.73 26.64
CA TYR A 115 -13.84 6.61 25.64
C TYR A 115 -13.20 6.48 24.27
N LEU A 116 -13.46 5.34 23.63
CA LEU A 116 -12.90 5.00 22.31
C LEU A 116 -13.90 5.15 21.16
N LEU A 117 -13.41 5.57 19.99
CA LEU A 117 -14.11 5.29 18.74
C LEU A 117 -13.94 3.78 18.48
N HIS A 118 -15.04 3.04 18.38
CA HIS A 118 -15.02 1.57 18.39
C HIS A 118 -14.40 1.01 17.10
N PHE A 119 -14.70 1.67 15.99
CA PHE A 119 -14.11 1.37 14.68
C PHE A 119 -13.96 2.68 13.94
N PRO A 120 -13.14 2.71 12.88
CA PRO A 120 -13.07 3.91 12.03
C PRO A 120 -14.20 4.07 10.99
N MET A 121 -15.29 3.32 11.17
CA MET A 121 -16.33 3.17 10.15
C MET A 121 -17.71 3.64 10.66
N ALA A 122 -18.26 4.68 10.03
CA ALA A 122 -19.58 5.20 10.37
C ALA A 122 -20.68 4.40 9.70
N LEU A 123 -21.68 4.04 10.49
CA LEU A 123 -22.84 3.32 9.98
C LEU A 123 -24.10 4.20 10.14
N LYS A 124 -25.18 3.82 9.44
CA LYS A 124 -26.43 4.56 9.46
C LYS A 124 -26.96 4.79 10.89
N PRO A 125 -27.26 6.06 11.23
CA PRO A 125 -27.83 6.35 12.56
C PRO A 125 -29.14 5.59 12.83
N GLY A 126 -29.38 5.24 14.10
CA GLY A 126 -30.55 4.46 14.49
C GLY A 126 -30.30 3.60 15.72
N GLU A 127 -31.30 2.79 16.08
CA GLU A 127 -31.23 1.95 17.28
C GLU A 127 -30.56 0.60 16.99
N THR A 128 -30.58 0.17 15.72
CA THR A 128 -29.92 -1.10 15.34
C THR A 128 -28.43 -0.86 15.13
N PRO A 129 -27.57 -1.54 15.92
CA PRO A 129 -26.14 -1.34 15.77
C PRO A 129 -25.60 -1.76 14.39
N LEU A 130 -26.13 -2.83 13.80
CA LEU A 130 -25.73 -3.23 12.45
C LEU A 130 -26.93 -3.12 11.50
N PRO A 131 -27.26 -1.88 11.07
CA PRO A 131 -28.49 -1.67 10.29
C PRO A 131 -28.31 -2.22 8.88
N LYS A 132 -29.33 -2.94 8.39
CA LYS A 132 -29.22 -3.65 7.13
C LYS A 132 -30.28 -3.18 6.16
N ASP A 133 -30.03 -3.39 4.86
CA ASP A 133 -31.02 -3.07 3.81
C ASP A 133 -31.90 -4.29 3.49
N GLU A 134 -32.76 -4.16 2.47
CA GLU A 134 -33.68 -5.21 2.01
C GLU A 134 -32.97 -6.51 1.59
N ASN A 135 -31.66 -6.44 1.31
CA ASN A 135 -30.85 -7.62 0.94
C ASN A 135 -29.92 -8.09 2.07
N GLY A 136 -30.04 -7.50 3.25
CA GLY A 136 -29.23 -7.87 4.40
C GLY A 136 -27.78 -7.41 4.36
N LYS A 137 -27.52 -6.38 3.56
CA LYS A 137 -26.20 -5.73 3.48
C LYS A 137 -26.19 -4.55 4.47
N VAL A 138 -25.12 -4.40 5.26
CA VAL A 138 -25.06 -3.34 6.27
C VAL A 138 -25.01 -1.96 5.58
N ILE A 139 -25.80 -1.01 6.08
CA ILE A 139 -25.89 0.34 5.50
C ILE A 139 -24.83 1.24 6.13
N PHE A 140 -24.00 1.84 5.28
CA PHE A 140 -22.91 2.71 5.72
C PHE A 140 -23.36 4.18 5.77
N ASP A 141 -22.49 5.00 6.34
CA ASP A 141 -22.71 6.44 6.49
C ASP A 141 -21.37 7.12 6.21
N THR A 142 -21.43 8.40 5.86
CA THR A 142 -20.23 9.17 5.57
C THR A 142 -20.13 10.28 6.61
N VAL A 143 -19.04 10.26 7.37
CA VAL A 143 -18.78 11.27 8.39
C VAL A 143 -17.29 11.62 8.32
N ASP A 144 -16.98 12.90 8.51
CA ASP A 144 -15.61 13.35 8.68
C ASP A 144 -15.22 12.96 10.11
N LEU A 145 -14.28 12.02 10.24
CA LEU A 145 -13.86 11.54 11.57
C LEU A 145 -13.17 12.62 12.41
N SER A 146 -12.66 13.66 11.73
CA SER A 146 -12.06 14.80 12.42
C SER A 146 -13.11 15.58 13.24
N ALA A 147 -14.34 15.65 12.71
CA ALA A 147 -15.46 16.31 13.40
C ALA A 147 -15.98 15.46 14.56
N THR A 148 -16.06 14.15 14.35
CA THR A 148 -16.34 13.20 15.43
C THR A 148 -15.29 13.34 16.55
N TRP A 149 -14.01 13.43 16.17
CA TRP A 149 -12.94 13.55 17.14
C TRP A 149 -12.98 14.88 17.93
N GLU A 150 -13.36 15.97 17.28
CA GLU A 150 -13.54 17.25 17.95
C GLU A 150 -14.56 17.18 19.08
N VAL A 151 -15.58 16.34 18.93
CA VAL A 151 -16.59 16.20 19.96
C VAL A 151 -16.11 15.29 21.08
N MET A 152 -15.21 14.37 20.75
CA MET A 152 -14.55 13.52 21.76
C MET A 152 -13.67 14.39 22.65
N GLU A 153 -12.92 15.30 22.03
CA GLU A 153 -12.14 16.30 22.75
C GLU A 153 -13.02 17.17 23.66
N LYS A 154 -14.18 17.58 23.15
CA LYS A 154 -15.16 18.35 23.91
C LYS A 154 -15.66 17.57 25.12
N CYS A 155 -15.88 16.27 24.96
CA CYS A 155 -16.24 15.36 26.06
C CYS A 155 -15.18 15.22 27.15
N LYS A 156 -13.91 15.24 26.74
CA LYS A 156 -12.78 15.24 27.68
C LYS A 156 -12.67 16.57 28.44
N ASP A 157 -12.89 17.66 27.71
CA ASP A 157 -12.89 19.00 28.30
C ASP A 157 -14.07 19.19 29.26
N ALA A 158 -15.20 18.54 28.97
CA ALA A 158 -16.40 18.62 29.82
C ALA A 158 -16.28 17.74 31.07
N GLY A 159 -15.26 16.90 31.13
CA GLY A 159 -15.01 16.04 32.29
C GLY A 159 -15.72 14.70 32.26
N LEU A 160 -16.36 14.41 31.12
CA LEU A 160 -17.17 13.21 30.96
C LEU A 160 -16.34 12.00 30.62
N ALA A 161 -15.19 12.22 29.96
CA ALA A 161 -14.17 11.19 29.75
C ALA A 161 -12.83 11.74 30.21
N LYS A 162 -12.08 10.99 31.02
CA LYS A 162 -10.76 11.46 31.46
C LYS A 162 -9.78 11.47 30.31
N SER A 163 -9.82 10.40 29.52
CA SER A 163 -8.96 10.19 28.35
C SER A 163 -9.82 9.75 27.17
N ILE A 164 -9.32 9.97 25.95
CA ILE A 164 -9.96 9.50 24.72
C ILE A 164 -9.00 8.73 23.80
N GLY A 165 -9.54 7.76 23.07
CA GLY A 165 -8.71 6.96 22.18
C GLY A 165 -9.50 6.33 21.05
N VAL A 166 -8.86 5.40 20.35
CA VAL A 166 -9.49 4.76 19.20
C VAL A 166 -9.36 3.26 19.31
N SER A 167 -10.07 2.57 18.43
CA SER A 167 -10.05 1.12 18.43
C SER A 167 -10.13 0.68 16.98
N ASN A 168 -9.31 -0.31 16.62
CA ASN A 168 -9.32 -0.94 15.29
C ASN A 168 -8.95 0.00 14.14
N PHE A 169 -8.10 0.98 14.44
CA PHE A 169 -7.60 1.93 13.45
C PHE A 169 -6.31 1.40 12.85
N ASN A 170 -6.11 1.70 11.57
CA ASN A 170 -4.86 1.42 10.94
C ASN A 170 -3.94 2.65 11.02
N TYR A 171 -2.71 2.49 10.60
CA TYR A 171 -1.71 3.53 10.79
C TYR A 171 -2.09 4.83 10.05
N ARG A 172 -2.61 4.71 8.83
CA ARG A 172 -2.98 5.90 8.06
C ARG A 172 -4.19 6.58 8.68
N GLN A 173 -5.06 5.81 9.32
CA GLN A 173 -6.25 6.36 9.98
C GLN A 173 -5.88 7.10 11.26
N LEU A 174 -4.93 6.54 12.02
CA LEU A 174 -4.37 7.22 13.18
C LEU A 174 -3.66 8.51 12.78
N GLU A 175 -2.94 8.46 11.67
CA GLU A 175 -2.28 9.64 11.13
C GLU A 175 -3.25 10.76 10.73
N MET A 176 -4.43 10.39 10.23
CA MET A 176 -5.46 11.39 9.90
C MET A 176 -5.86 12.20 11.14
N ILE A 177 -5.89 11.57 12.30
CA ILE A 177 -6.19 12.24 13.59
C ILE A 177 -4.96 13.01 14.10
N LEU A 178 -3.80 12.36 14.07
CA LEU A 178 -2.55 12.96 14.53
C LEU A 178 -2.18 14.22 13.75
N ASN A 179 -2.50 14.24 12.46
CA ASN A 179 -2.20 15.39 11.58
C ASN A 179 -3.39 16.32 11.29
N LYS A 180 -4.37 16.30 12.18
CA LYS A 180 -5.58 17.11 12.09
C LYS A 180 -5.27 18.54 12.51
N PRO A 181 -5.64 19.55 11.69
CA PRO A 181 -5.33 20.92 12.12
C PRO A 181 -6.14 21.33 13.35
N GLY A 182 -5.45 21.88 14.33
CA GLY A 182 -6.08 22.30 15.57
C GLY A 182 -6.34 21.15 16.52
N LEU A 183 -5.69 20.00 16.30
CA LEU A 183 -5.77 18.88 17.22
C LEU A 183 -5.45 19.39 18.62
N LYS A 184 -6.31 19.01 19.57
CA LYS A 184 -6.14 19.39 20.97
C LYS A 184 -5.62 18.22 21.80
N TYR A 185 -6.20 17.03 21.60
CA TYR A 185 -5.81 15.83 22.32
C TYR A 185 -5.67 14.66 21.36
N LYS A 186 -4.48 14.06 21.34
CA LYS A 186 -4.26 12.90 20.51
C LYS A 186 -4.83 11.66 21.19
N PRO A 187 -5.05 10.58 20.42
CA PRO A 187 -5.52 9.36 21.06
C PRO A 187 -4.51 8.85 22.09
N VAL A 188 -5.00 8.39 23.24
CA VAL A 188 -4.11 7.76 24.23
C VAL A 188 -3.74 6.36 23.83
N CYS A 189 -4.60 5.74 23.04
CA CYS A 189 -4.46 4.34 22.68
C CYS A 189 -5.11 3.98 21.36
N ASN A 190 -4.72 2.82 20.87
CA ASN A 190 -5.39 2.11 19.80
C ASN A 190 -5.57 0.68 20.30
N GLN A 191 -6.80 0.31 20.57
CA GLN A 191 -7.16 -1.02 20.98
C GLN A 191 -7.40 -1.90 19.74
N VAL A 192 -6.56 -2.91 19.56
CA VAL A 192 -6.58 -3.75 18.36
C VAL A 192 -6.41 -5.22 18.73
N GLU A 193 -6.86 -6.09 17.84
CA GLU A 193 -6.61 -7.52 17.95
C GLU A 193 -5.12 -7.77 18.02
N CYS A 194 -4.68 -8.54 19.00
CA CYS A 194 -3.23 -8.77 19.16
C CYS A 194 -2.95 -9.98 20.03
N HIS A 195 -2.20 -10.92 19.46
CA HIS A 195 -1.93 -12.24 20.03
C HIS A 195 -0.73 -12.80 19.24
N PRO A 196 -0.16 -13.92 19.69
CA PRO A 196 0.99 -14.46 18.97
C PRO A 196 0.83 -14.83 17.48
N TYR A 197 -0.38 -15.00 16.97
CA TYR A 197 -0.58 -15.25 15.53
C TYR A 197 -0.70 -13.93 14.75
N LEU A 198 -1.05 -12.85 15.43
CA LEU A 198 -1.11 -11.51 14.83
C LEU A 198 -0.49 -10.55 15.82
N ASN A 199 0.83 -10.50 15.88
CA ASN A 199 1.49 -9.75 16.95
C ASN A 199 1.58 -8.20 16.77
N GLN A 200 1.13 -7.68 15.64
CA GLN A 200 1.07 -6.23 15.40
C GLN A 200 2.42 -5.48 15.55
N SER A 201 3.55 -6.15 15.24
CA SER A 201 4.89 -5.55 15.33
C SER A 201 4.94 -4.16 14.73
N LYS A 202 4.46 -4.06 13.51
CA LYS A 202 4.60 -2.84 12.74
C LYS A 202 3.72 -1.73 13.31
N LEU A 203 2.44 -2.03 13.55
CA LEU A 203 1.53 -1.05 14.17
C LEU A 203 1.99 -0.68 15.61
N LEU A 204 2.54 -1.67 16.34
CA LEU A 204 3.06 -1.42 17.68
C LEU A 204 4.23 -0.45 17.62
N ASP A 205 5.17 -0.68 16.72
CA ASP A 205 6.28 0.24 16.47
C ASP A 205 5.79 1.64 16.12
N PHE A 206 4.78 1.72 15.25
CA PHE A 206 4.23 3.00 14.88
C PHE A 206 3.66 3.74 16.11
N CYS A 207 2.79 3.05 16.85
CA CYS A 207 2.16 3.59 18.05
C CYS A 207 3.19 4.08 19.07
N LYS A 208 4.19 3.26 19.38
CA LYS A 208 5.25 3.67 20.28
C LYS A 208 5.97 4.94 19.83
N SER A 209 6.21 5.06 18.51
CA SER A 209 6.90 6.24 17.93
C SER A 209 6.04 7.50 18.04
N LYS A 210 4.74 7.31 18.25
CA LYS A 210 3.77 8.40 18.33
C LYS A 210 3.18 8.53 19.74
N ASP A 211 3.76 7.79 20.70
CA ASP A 211 3.36 7.88 22.12
C ASP A 211 1.88 7.49 22.29
N ILE A 212 1.46 6.45 21.57
CA ILE A 212 0.11 5.87 21.65
C ILE A 212 0.28 4.44 22.19
N VAL A 213 -0.52 4.08 23.18
CA VAL A 213 -0.45 2.75 23.79
C VAL A 213 -1.21 1.78 22.90
N LEU A 214 -0.62 0.64 22.62
CA LEU A 214 -1.36 -0.41 21.95
C LEU A 214 -1.99 -1.26 23.05
N VAL A 215 -3.32 -1.41 22.98
CA VAL A 215 -4.09 -2.25 23.88
C VAL A 215 -4.58 -3.48 23.09
N ALA A 216 -4.22 -4.66 23.57
CA ALA A 216 -4.52 -5.90 22.87
C ALA A 216 -5.90 -6.41 23.29
N HIS A 217 -6.84 -6.45 22.34
CA HIS A 217 -8.04 -7.24 22.50
C HIS A 217 -7.85 -8.57 21.81
N SER A 218 -8.73 -9.54 22.09
CA SER A 218 -8.62 -10.88 21.52
C SER A 218 -7.25 -11.53 21.84
N ALA A 219 -6.66 -11.17 22.98
CA ALA A 219 -5.28 -11.59 23.31
C ALA A 219 -5.11 -13.09 23.58
N LEU A 220 -6.22 -13.78 23.81
CA LEU A 220 -6.26 -15.23 23.95
C LEU A 220 -6.91 -15.93 22.76
N GLY A 221 -6.97 -15.25 21.61
CA GLY A 221 -7.51 -15.84 20.37
C GLY A 221 -9.02 -15.82 20.25
N THR A 222 -9.64 -14.89 20.96
CA THR A 222 -11.10 -14.66 21.01
C THR A 222 -11.91 -15.74 21.75
N GLN A 223 -13.17 -15.42 21.99
CA GLN A 223 -14.08 -16.40 22.58
C GLN A 223 -14.75 -17.29 21.55
N ARG A 224 -14.43 -17.05 20.28
CA ARG A 224 -14.73 -17.96 19.19
C ARG A 224 -16.24 -18.07 18.97
N HIS A 225 -16.92 -16.93 19.02
CA HIS A 225 -18.36 -16.91 18.86
C HIS A 225 -18.65 -16.60 17.42
N LYS A 226 -19.63 -17.31 16.85
CA LYS A 226 -19.94 -17.26 15.41
C LYS A 226 -20.42 -15.92 14.89
N LEU A 227 -20.95 -15.08 15.75
CA LEU A 227 -21.27 -13.70 15.35
C LEU A 227 -20.06 -12.96 14.74
N TRP A 228 -18.86 -13.20 15.29
CA TRP A 228 -17.67 -12.39 14.97
C TRP A 228 -16.49 -13.21 14.43
N VAL A 229 -16.49 -14.51 14.64
CA VAL A 229 -15.32 -15.36 14.45
C VAL A 229 -15.72 -16.69 13.81
N ASP A 230 -14.99 -17.07 12.76
CA ASP A 230 -15.22 -18.34 12.06
C ASP A 230 -14.68 -19.49 12.93
N PRO A 231 -15.53 -20.48 13.26
CA PRO A 231 -15.12 -21.63 14.07
C PRO A 231 -14.12 -22.60 13.43
N ASN A 232 -13.89 -22.45 12.12
CA ASN A 232 -12.89 -23.24 11.42
C ASN A 232 -11.50 -22.66 11.56
N SER A 233 -11.42 -21.44 12.08
CA SER A 233 -10.17 -20.78 12.38
C SER A 233 -9.38 -21.60 13.39
N PRO A 234 -8.04 -21.49 13.38
CA PRO A 234 -7.20 -22.23 14.33
C PRO A 234 -7.37 -21.81 15.79
N VAL A 235 -7.32 -22.78 16.70
CA VAL A 235 -7.49 -22.51 18.12
C VAL A 235 -6.13 -22.11 18.72
N LEU A 236 -5.97 -20.81 19.04
CA LEU A 236 -4.71 -20.28 19.55
C LEU A 236 -4.18 -21.05 20.75
N LEU A 237 -5.05 -21.26 21.75
CA LEU A 237 -4.63 -21.83 23.03
C LEU A 237 -4.32 -23.33 22.96
N GLU A 238 -4.69 -23.97 21.85
CA GLU A 238 -4.30 -25.36 21.60
C GLU A 238 -2.98 -25.52 20.84
N ASP A 239 -2.32 -24.41 20.51
CA ASP A 239 -1.04 -24.45 19.82
C ASP A 239 0.01 -25.21 20.66
N PRO A 240 0.62 -26.25 20.08
CA PRO A 240 1.58 -27.09 20.82
C PRO A 240 2.86 -26.39 21.32
N VAL A 241 3.26 -25.29 20.68
CA VAL A 241 4.40 -24.50 21.13
C VAL A 241 4.03 -23.62 22.34
N LEU A 242 2.87 -22.96 22.29
CA LEU A 242 2.30 -22.29 23.46
C LEU A 242 2.12 -23.21 24.69
N CYS A 243 1.62 -24.42 24.43
CA CYS A 243 1.44 -25.43 25.45
C CYS A 243 2.75 -25.95 26.04
N ALA A 244 3.80 -26.04 25.23
CA ALA A 244 5.11 -26.52 25.70
C ALA A 244 5.74 -25.47 26.63
N LEU A 245 5.55 -24.20 26.31
CA LEU A 245 6.03 -23.12 27.16
C LEU A 245 5.21 -23.02 28.45
N ALA A 246 3.89 -23.19 28.35
CA ALA A 246 3.01 -23.26 29.50
C ALA A 246 3.47 -24.33 30.47
N LYS A 247 3.77 -25.51 29.95
CA LYS A 247 4.22 -26.63 30.74
C LYS A 247 5.60 -26.42 31.39
N LYS A 248 6.55 -25.92 30.62
CA LYS A 248 7.87 -25.53 31.13
C LYS A 248 7.74 -24.62 32.36
N HIS A 249 6.81 -23.67 32.28
CA HIS A 249 6.60 -22.70 33.36
C HIS A 249 5.61 -23.15 34.44
N LYS A 250 4.99 -24.32 34.24
CA LYS A 250 3.86 -24.80 35.06
C LYS A 250 2.76 -23.75 35.19
N ARG A 251 2.40 -23.16 34.05
CA ARG A 251 1.29 -22.23 33.95
C ARG A 251 0.31 -22.79 32.92
N THR A 252 -0.50 -21.93 32.29
CA THR A 252 -1.43 -22.36 31.26
C THR A 252 -1.14 -21.56 30.00
N PRO A 253 -1.56 -22.08 28.84
CA PRO A 253 -1.37 -21.36 27.58
C PRO A 253 -1.88 -19.91 27.60
N ALA A 254 -3.01 -19.68 28.27
CA ALA A 254 -3.58 -18.34 28.37
C ALA A 254 -2.62 -17.41 29.07
N LEU A 255 -1.99 -17.89 30.15
CA LEU A 255 -1.08 -17.06 30.95
C LEU A 255 0.17 -16.70 30.19
N ILE A 256 0.65 -17.64 29.38
CA ILE A 256 1.76 -17.39 28.45
C ILE A 256 1.40 -16.29 27.43
N ALA A 257 0.20 -16.35 26.86
CA ALA A 257 -0.24 -15.37 25.85
C ALA A 257 -0.38 -13.96 26.42
N LEU A 258 -0.92 -13.87 27.65
CA LEU A 258 -1.02 -12.61 28.37
C LEU A 258 0.34 -12.03 28.79
N ARG A 259 1.24 -12.89 29.29
CA ARG A 259 2.58 -12.46 29.69
C ARG A 259 3.45 -11.99 28.51
N TYR A 260 3.29 -12.64 27.37
CA TYR A 260 3.90 -12.21 26.11
C TYR A 260 3.64 -10.72 25.89
N GLN A 261 2.40 -10.28 25.96
CA GLN A 261 2.06 -8.87 25.77
C GLN A 261 2.64 -7.93 26.83
N LEU A 262 2.56 -8.32 28.10
CA LEU A 262 3.14 -7.47 29.15
C LEU A 262 4.61 -7.18 28.92
N GLN A 263 5.37 -8.22 28.56
CA GLN A 263 6.81 -8.09 28.38
C GLN A 263 7.26 -7.38 27.09
N ARG A 264 6.33 -7.14 26.15
CA ARG A 264 6.62 -6.33 24.94
C ARG A 264 6.04 -4.91 25.04
N GLY A 265 5.53 -4.51 26.19
CA GLY A 265 4.99 -3.16 26.35
C GLY A 265 3.61 -2.94 25.76
N VAL A 266 2.82 -4.01 25.69
CA VAL A 266 1.42 -3.96 25.24
C VAL A 266 0.52 -4.09 26.47
N VAL A 267 -0.50 -3.23 26.55
CA VAL A 267 -1.51 -3.35 27.59
C VAL A 267 -2.48 -4.40 27.08
N VAL A 268 -2.88 -5.34 27.94
CA VAL A 268 -3.58 -6.54 27.49
C VAL A 268 -4.91 -6.76 28.23
N LEU A 269 -5.96 -7.09 27.47
CA LEU A 269 -7.25 -7.42 28.03
C LEU A 269 -7.40 -8.93 28.10
N ALA A 270 -8.15 -9.39 29.08
CA ALA A 270 -8.50 -10.81 29.19
C ALA A 270 -9.94 -10.93 29.64
N LYS A 271 -10.77 -11.53 28.79
CA LYS A 271 -12.14 -11.85 29.19
C LYS A 271 -12.23 -13.25 29.79
N SER A 272 -12.88 -13.35 30.95
CA SER A 272 -13.36 -14.63 31.50
C SER A 272 -14.61 -14.41 32.34
N TYR A 273 -15.57 -15.29 32.16
CA TYR A 273 -16.80 -15.30 32.93
C TYR A 273 -16.82 -16.54 33.84
N ASN A 274 -15.63 -17.13 34.04
CA ASN A 274 -15.43 -18.27 34.94
C ASN A 274 -14.62 -17.82 36.14
N GLU A 275 -15.06 -18.15 37.35
CA GLU A 275 -14.35 -17.66 38.56
C GLU A 275 -12.88 -18.11 38.64
N GLN A 276 -12.62 -19.40 38.41
CA GLN A 276 -11.27 -19.96 38.49
C GLN A 276 -10.30 -19.35 37.46
N ARG A 277 -10.76 -19.14 36.23
CA ARG A 277 -9.92 -18.50 35.19
C ARG A 277 -9.74 -17.00 35.39
N ILE A 278 -10.72 -16.32 35.98
CA ILE A 278 -10.53 -14.92 36.36
C ILE A 278 -9.33 -14.81 37.34
N ARG A 279 -9.34 -15.66 38.37
CA ARG A 279 -8.27 -15.71 39.37
C ARG A 279 -6.94 -16.18 38.81
N GLU A 280 -6.98 -17.08 37.83
CA GLU A 280 -5.79 -17.51 37.11
C GLU A 280 -5.16 -16.38 36.31
N ASN A 281 -5.98 -15.56 35.65
CA ASN A 281 -5.47 -14.58 34.72
C ASN A 281 -4.62 -13.50 35.40
N ILE A 282 -4.99 -13.12 36.62
CA ILE A 282 -4.27 -12.11 37.40
C ILE A 282 -2.90 -12.66 37.90
N GLN A 283 -2.69 -13.95 37.75
CA GLN A 283 -1.39 -14.55 38.04
C GLN A 283 -0.35 -14.30 36.94
N VAL A 284 -0.73 -13.63 35.85
CA VAL A 284 0.22 -13.16 34.85
C VAL A 284 1.34 -12.34 35.50
N PHE A 285 1.07 -11.72 36.66
CA PHE A 285 2.06 -10.91 37.38
C PHE A 285 2.98 -11.71 38.30
N GLU A 286 2.79 -13.03 38.35
CA GLU A 286 3.50 -13.91 39.29
C GLU A 286 4.62 -14.76 38.66
N PHE A 287 4.83 -14.62 37.37
CA PHE A 287 5.92 -15.32 36.68
C PHE A 287 6.47 -14.46 35.54
N GLN A 288 7.62 -14.86 35.01
CA GLN A 288 8.26 -14.17 33.90
C GLN A 288 8.65 -15.14 32.78
N LEU A 289 8.48 -14.70 31.54
CA LEU A 289 9.02 -15.38 30.38
C LEU A 289 10.47 -14.96 30.17
N THR A 290 11.29 -15.91 29.77
CA THR A 290 12.67 -15.62 29.38
C THR A 290 12.72 -14.93 28.02
N SER A 291 13.86 -14.34 27.72
CA SER A 291 14.06 -13.69 26.44
C SER A 291 14.04 -14.72 25.27
N GLU A 292 14.45 -15.94 25.60
CA GLU A 292 14.38 -17.07 24.69
C GLU A 292 12.92 -17.48 24.40
N ASP A 293 12.06 -17.46 25.43
CA ASP A 293 10.63 -17.75 25.28
C ASP A 293 9.96 -16.71 24.37
N MET A 294 10.34 -15.45 24.55
CA MET A 294 9.74 -14.36 23.80
CA MET A 294 9.78 -14.32 23.79
C MET A 294 10.09 -14.40 22.30
N LYS A 295 11.28 -14.86 21.98
CA LYS A 295 11.70 -14.94 20.59
C LYS A 295 10.98 -16.12 19.89
N VAL A 296 10.75 -17.22 20.61
CA VAL A 296 9.93 -18.34 20.14
C VAL A 296 8.48 -17.91 19.91
N LEU A 297 7.90 -17.17 20.85
CA LEU A 297 6.56 -16.63 20.72
C LEU A 297 6.41 -15.64 19.55
N ASP A 298 7.43 -14.81 19.33
CA ASP A 298 7.51 -13.92 18.15
C ASP A 298 7.47 -14.73 16.84
N GLY A 299 8.02 -15.93 16.88
CA GLY A 299 8.02 -16.84 15.73
C GLY A 299 6.72 -17.51 15.42
N LEU A 300 5.72 -17.36 16.28
CA LEU A 300 4.36 -17.85 16.01
C LEU A 300 3.59 -16.91 15.09
N ASN A 301 4.10 -15.70 14.90
CA ASN A 301 3.41 -14.69 14.11
C ASN A 301 3.13 -15.16 12.70
N ARG A 302 1.88 -15.08 12.28
CA ARG A 302 1.52 -15.51 10.92
C ARG A 302 0.51 -14.65 10.19
N ASN A 303 0.19 -13.48 10.74
CA ASN A 303 -0.77 -12.56 10.15
C ASN A 303 -2.16 -13.17 10.03
N TYR A 304 -2.56 -13.93 11.06
CA TYR A 304 -3.86 -14.54 11.09
C TYR A 304 -4.80 -13.71 11.96
N ARG A 305 -5.82 -13.14 11.31
CA ARG A 305 -6.84 -12.29 11.97
C ARG A 305 -8.16 -13.05 12.20
N TYR A 306 -8.66 -12.99 13.44
CA TYR A 306 -9.91 -13.63 13.83
C TYR A 306 -11.11 -12.69 13.64
N VAL A 307 -11.01 -11.46 14.13
CA VAL A 307 -12.09 -10.45 14.02
C VAL A 307 -11.91 -9.66 12.73
N VAL A 308 -12.44 -10.25 11.65
CA VAL A 308 -12.27 -9.76 10.30
C VAL A 308 -13.38 -8.77 9.90
N MET A 309 -14.53 -8.85 10.55
CA MET A 309 -15.66 -7.96 10.26
C MET A 309 -15.93 -7.91 8.76
N ASP A 310 -15.99 -9.09 8.14
CA ASP A 310 -16.05 -9.22 6.69
C ASP A 310 -17.34 -8.66 6.02
N PHE A 311 -18.40 -8.53 6.80
CA PHE A 311 -19.63 -7.88 6.35
C PHE A 311 -19.48 -6.34 6.27
N LEU A 312 -18.32 -5.83 6.69
CA LEU A 312 -17.99 -4.40 6.54
C LEU A 312 -16.83 -4.21 5.56
N MET A 313 -16.41 -5.26 4.86
CA MET A 313 -15.28 -5.17 3.92
C MET A 313 -15.44 -4.14 2.80
N ASP A 314 -16.68 -3.85 2.41
CA ASP A 314 -16.95 -2.85 1.38
C ASP A 314 -17.07 -1.41 1.91
N HIS A 315 -16.94 -1.21 3.22
CA HIS A 315 -16.92 0.15 3.77
C HIS A 315 -15.64 0.85 3.29
N PRO A 316 -15.75 2.08 2.75
CA PRO A 316 -14.56 2.86 2.35
C PRO A 316 -13.44 2.90 3.41
N ASP A 317 -13.81 3.00 4.68
CA ASP A 317 -12.83 3.07 5.78
C ASP A 317 -12.60 1.74 6.49
N TYR A 318 -12.78 0.62 5.79
CA TYR A 318 -12.49 -0.70 6.36
C TYR A 318 -10.99 -0.73 6.68
N PRO A 319 -10.62 -1.00 7.95
CA PRO A 319 -9.24 -0.80 8.38
C PRO A 319 -8.20 -1.87 8.06
N PHE A 320 -8.65 -3.09 7.78
CA PHE A 320 -7.76 -4.27 7.76
C PHE A 320 -7.22 -4.72 6.39
N SER A 321 -7.56 -4.00 5.33
CA SER A 321 -7.02 -4.31 4.00
C SER A 321 -5.62 -3.70 3.78
N ASP A 322 -5.33 -2.60 4.47
CA ASP A 322 -3.97 -2.02 4.49
C ASP A 322 -3.06 -2.98 5.22
N GLU A 323 -1.76 -2.93 4.89
CA GLU A 323 -0.80 -3.85 5.47
C GLU A 323 -0.81 -3.75 7.00
N TYR A 324 -0.79 -2.53 7.51
CA TYR A 324 -1.01 -2.26 8.92
C TYR A 324 -1.54 -0.84 9.13
N MET B 2 19.36 -38.25 -11.97
CA MET B 2 20.85 -38.22 -11.86
C MET B 2 21.48 -37.26 -12.88
N ASP B 3 20.97 -37.23 -14.11
CA ASP B 3 21.30 -36.15 -15.05
C ASP B 3 20.68 -34.85 -14.48
N PRO B 4 21.49 -33.77 -14.39
CA PRO B 4 21.05 -32.45 -13.89
C PRO B 4 19.76 -31.92 -14.50
N LYS B 5 19.45 -32.31 -15.74
CA LYS B 5 18.27 -31.77 -16.40
C LYS B 5 16.96 -32.32 -15.85
N TYR B 6 17.05 -33.37 -15.01
CA TYR B 6 15.88 -33.90 -14.32
C TYR B 6 15.70 -33.36 -12.88
N GLN B 7 16.36 -32.26 -12.54
CA GLN B 7 16.26 -31.64 -11.21
C GLN B 7 14.83 -31.27 -10.94
N ARG B 8 14.38 -31.56 -9.72
CA ARG B 8 13.04 -31.20 -9.25
C ARG B 8 13.13 -30.41 -7.94
N VAL B 9 12.07 -29.69 -7.60
CA VAL B 9 11.98 -29.01 -6.30
C VAL B 9 10.77 -29.57 -5.55
N GLU B 10 10.91 -29.78 -4.25
CA GLU B 10 9.83 -30.31 -3.44
C GLU B 10 8.79 -29.22 -3.21
N LEU B 11 7.53 -29.57 -3.47
CA LEU B 11 6.42 -28.63 -3.31
C LEU B 11 5.88 -28.76 -1.88
N ASN B 12 5.09 -27.79 -1.45
CA ASN B 12 4.60 -27.79 -0.06
C ASN B 12 3.60 -28.90 0.29
N ASP B 13 3.20 -29.70 -0.71
CA ASP B 13 2.31 -30.86 -0.53
C ASP B 13 2.99 -32.23 -0.67
N GLY B 14 4.31 -32.24 -0.82
CA GLY B 14 5.12 -33.45 -0.90
C GLY B 14 5.48 -33.91 -2.31
N HIS B 15 4.86 -33.30 -3.31
CA HIS B 15 5.09 -33.65 -4.71
C HIS B 15 6.29 -32.88 -5.23
N PHE B 16 6.85 -33.33 -6.34
CA PHE B 16 8.09 -32.80 -6.90
C PHE B 16 7.85 -32.23 -8.29
N MET B 17 8.41 -31.05 -8.53
CA MET B 17 8.24 -30.30 -9.79
C MET B 17 9.59 -30.05 -10.49
N PRO B 18 9.73 -30.50 -11.75
CA PRO B 18 10.97 -30.17 -12.46
C PRO B 18 11.19 -28.64 -12.59
N VAL B 19 12.44 -28.22 -12.47
CA VAL B 19 12.77 -26.80 -12.33
C VAL B 19 12.75 -26.03 -13.67
N LEU B 20 12.75 -26.77 -14.78
CA LEU B 20 12.57 -26.20 -16.10
C LEU B 20 11.33 -26.81 -16.77
N GLY B 21 10.48 -25.98 -17.33
CA GLY B 21 9.26 -26.44 -17.97
C GLY B 21 9.11 -25.96 -19.40
N PHE B 22 8.34 -26.72 -20.18
CA PHE B 22 8.07 -26.39 -21.57
C PHE B 22 6.73 -25.66 -21.68
N GLY B 23 6.77 -24.40 -22.13
CA GLY B 23 5.56 -23.64 -22.45
C GLY B 23 5.00 -24.00 -23.83
N THR B 24 3.70 -24.24 -23.88
CA THR B 24 3.04 -24.76 -25.07
C THR B 24 2.12 -23.79 -25.83
N TYR B 25 1.91 -22.56 -25.34
CA TYR B 25 0.99 -21.64 -26.02
C TYR B 25 1.54 -21.21 -27.38
N ALA B 26 0.68 -21.30 -28.40
CA ALA B 26 0.97 -20.77 -29.73
C ALA B 26 -0.28 -20.04 -30.18
N PRO B 27 -0.11 -18.89 -30.83
CA PRO B 27 -1.28 -18.11 -31.24
C PRO B 27 -2.10 -18.83 -32.33
N PRO B 28 -3.38 -18.44 -32.48
CA PRO B 28 -4.32 -19.14 -33.38
C PRO B 28 -3.84 -19.32 -34.83
N GLU B 29 -3.07 -18.39 -35.35
CA GLU B 29 -2.56 -18.51 -36.71
C GLU B 29 -1.60 -19.71 -36.88
N VAL B 30 -1.08 -20.24 -35.78
CA VAL B 30 -0.22 -21.43 -35.82
C VAL B 30 -1.07 -22.71 -35.88
N PRO B 31 -0.87 -23.57 -36.91
CA PRO B 31 -1.70 -24.79 -37.07
C PRO B 31 -1.71 -25.67 -35.81
N ARG B 32 -2.87 -26.21 -35.44
CA ARG B 32 -3.02 -26.94 -34.17
C ARG B 32 -2.14 -28.19 -34.04
N ASN B 33 -1.91 -28.90 -35.13
CA ASN B 33 -1.09 -30.12 -35.08
C ASN B 33 0.40 -29.88 -34.80
N ARG B 34 0.85 -28.66 -35.00
CA ARG B 34 2.23 -28.32 -34.72
C ARG B 34 2.57 -28.57 -33.25
N ALA B 35 1.60 -28.34 -32.34
CA ALA B 35 1.78 -28.65 -30.90
C ALA B 35 2.09 -30.13 -30.59
N VAL B 36 1.55 -31.04 -31.39
CA VAL B 36 1.84 -32.46 -31.20
C VAL B 36 3.32 -32.71 -31.49
N GLU B 37 3.83 -32.12 -32.57
CA GLU B 37 5.20 -32.34 -33.03
C GLU B 37 6.23 -31.75 -32.06
N VAL B 38 5.99 -30.52 -31.59
CA VAL B 38 6.97 -29.82 -30.75
C VAL B 38 6.97 -30.31 -29.29
N THR B 39 5.83 -30.76 -28.79
CA THR B 39 5.75 -31.37 -27.46
C THR B 39 6.51 -32.71 -27.45
N LYS B 40 6.43 -33.45 -28.56
CA LYS B 40 7.23 -34.66 -28.73
C LYS B 40 8.72 -34.33 -28.73
N LEU B 41 9.11 -33.28 -29.47
CA LEU B 41 10.52 -32.87 -29.53
C LEU B 41 11.05 -32.43 -28.16
N ALA B 42 10.22 -31.69 -27.41
CA ALA B 42 10.57 -31.29 -26.05
C ALA B 42 10.84 -32.50 -25.16
N ILE B 43 9.99 -33.51 -25.24
CA ILE B 43 10.16 -34.75 -24.47
C ILE B 43 11.44 -35.49 -24.86
N GLU B 44 11.71 -35.61 -26.16
CA GLU B 44 12.98 -36.16 -26.64
C GLU B 44 14.20 -35.41 -26.08
N ALA B 45 14.14 -34.08 -26.08
CA ALA B 45 15.21 -33.22 -25.57
C ALA B 45 15.47 -33.42 -24.07
N GLY B 46 14.41 -33.78 -23.32
CA GLY B 46 14.52 -34.01 -21.87
C GLY B 46 13.53 -33.25 -20.98
N PHE B 47 12.64 -32.47 -21.58
CA PHE B 47 11.60 -31.77 -20.82
C PHE B 47 10.61 -32.77 -20.24
N ARG B 48 10.18 -32.53 -19.01
CA ARG B 48 9.19 -33.39 -18.33
C ARG B 48 8.03 -32.56 -17.76
N HIS B 49 8.34 -31.34 -17.39
CA HIS B 49 7.35 -30.35 -16.97
C HIS B 49 6.83 -29.67 -18.25
N ILE B 50 5.52 -29.81 -18.47
CA ILE B 50 4.81 -29.28 -19.64
C ILE B 50 3.66 -28.42 -19.12
N ASP B 51 3.64 -27.17 -19.57
CA ASP B 51 2.66 -26.18 -19.11
C ASP B 51 1.64 -25.84 -20.20
N SER B 52 0.36 -26.07 -19.93
CA SER B 52 -0.70 -25.63 -20.84
C SER B 52 -1.93 -25.09 -20.07
N ALA B 53 -3.09 -25.06 -20.72
CA ALA B 53 -4.26 -24.39 -20.16
C ALA B 53 -5.47 -24.53 -21.09
N TYR B 54 -6.68 -24.37 -20.53
CA TYR B 54 -7.92 -24.30 -21.35
C TYR B 54 -7.82 -23.21 -22.43
N LEU B 55 -7.31 -22.04 -22.05
CA LEU B 55 -7.21 -20.86 -22.91
C LEU B 55 -6.38 -21.11 -24.18
N TYR B 56 -5.37 -21.98 -24.09
CA TYR B 56 -4.37 -22.12 -25.16
C TYR B 56 -4.88 -22.90 -26.35
N ASN B 57 -6.00 -23.61 -26.18
CA ASN B 57 -6.64 -24.39 -27.23
C ASN B 57 -5.68 -25.40 -27.84
N ASN B 58 -5.02 -26.17 -26.99
CA ASN B 58 -4.05 -27.16 -27.44
C ASN B 58 -4.04 -28.49 -26.65
N GLU B 59 -4.93 -28.65 -25.67
CA GLU B 59 -4.84 -29.78 -24.74
C GLU B 59 -5.01 -31.14 -25.41
N GLU B 60 -5.83 -31.17 -26.46
CA GLU B 60 -6.03 -32.38 -27.24
C GLU B 60 -4.73 -32.80 -27.96
N GLN B 61 -3.96 -31.82 -28.43
CA GLN B 61 -2.70 -32.07 -29.13
C GLN B 61 -1.53 -32.33 -28.18
N VAL B 62 -1.43 -31.56 -27.12
CA VAL B 62 -0.39 -31.76 -26.10
C VAL B 62 -0.56 -33.13 -25.43
N GLY B 63 -1.80 -33.51 -25.15
CA GLY B 63 -2.12 -34.82 -24.58
C GLY B 63 -1.78 -35.98 -25.50
N LEU B 64 -2.00 -35.81 -26.80
CA LEU B 64 -1.65 -36.83 -27.81
C LEU B 64 -0.13 -37.04 -27.86
N ALA B 65 0.64 -35.97 -27.69
CA ALA B 65 2.11 -36.04 -27.65
C ALA B 65 2.62 -36.79 -26.41
N ILE B 66 2.04 -36.49 -25.25
CA ILE B 66 2.39 -37.18 -24.01
C ILE B 66 2.06 -38.66 -24.09
N ARG B 67 0.85 -38.97 -24.56
CA ARG B 67 0.36 -40.34 -24.63
C ARG B 67 1.07 -41.17 -25.68
N SER B 68 1.58 -40.50 -26.71
CA SER B 68 2.38 -41.16 -27.74
C SER B 68 3.75 -41.56 -27.21
N LYS B 69 4.38 -40.70 -26.42
CA LYS B 69 5.72 -40.98 -25.84
C LYS B 69 5.66 -41.95 -24.65
N ILE B 70 4.52 -42.02 -23.98
CA ILE B 70 4.26 -43.06 -22.99
C ILE B 70 4.16 -44.42 -23.66
N ALA B 71 3.33 -44.50 -24.70
CA ALA B 71 3.05 -45.75 -25.40
C ALA B 71 4.25 -46.34 -26.16
N ASP B 72 5.13 -45.49 -26.68
CA ASP B 72 6.37 -45.98 -27.32
C ASP B 72 7.55 -46.19 -26.35
N GLY B 73 7.33 -46.01 -25.04
CA GLY B 73 8.35 -46.29 -24.04
C GLY B 73 9.38 -45.20 -23.76
N SER B 74 9.29 -44.06 -24.45
CA SER B 74 10.24 -42.96 -24.27
C SER B 74 10.19 -42.39 -22.86
N VAL B 75 9.00 -42.41 -22.26
CA VAL B 75 8.73 -41.79 -20.95
C VAL B 75 7.62 -42.55 -20.22
N LYS B 76 7.59 -42.46 -18.89
CA LYS B 76 6.47 -42.99 -18.07
C LYS B 76 5.62 -41.79 -17.59
N ARG B 77 4.33 -42.01 -17.39
CA ARG B 77 3.41 -40.94 -16.94
C ARG B 77 3.87 -40.26 -15.64
N GLU B 78 4.42 -41.05 -14.72
CA GLU B 78 4.93 -40.55 -13.42
C GLU B 78 6.11 -39.58 -13.59
N ASP B 79 6.82 -39.70 -14.71
CA ASP B 79 7.93 -38.81 -15.05
C ASP B 79 7.51 -37.48 -15.69
N ILE B 80 6.29 -37.44 -16.23
CA ILE B 80 5.76 -36.23 -16.82
C ILE B 80 5.10 -35.44 -15.71
N PHE B 81 5.32 -34.13 -15.73
CA PHE B 81 4.66 -33.17 -14.86
C PHE B 81 3.83 -32.21 -15.71
N TYR B 82 2.54 -32.51 -15.84
CA TYR B 82 1.62 -31.73 -16.66
C TYR B 82 0.79 -30.75 -15.82
N THR B 83 0.84 -29.47 -16.23
CA THR B 83 0.04 -28.39 -15.65
C THR B 83 -1.09 -27.92 -16.58
N SER B 84 -2.30 -27.85 -16.04
CA SER B 84 -3.38 -27.12 -16.70
C SER B 84 -3.84 -25.93 -15.83
N LYS B 85 -4.75 -25.12 -16.37
CA LYS B 85 -5.24 -23.94 -15.67
C LYS B 85 -6.74 -23.79 -15.87
N LEU B 86 -7.43 -23.45 -14.77
CA LEU B 86 -8.85 -23.13 -14.78
C LEU B 86 -9.03 -21.73 -15.30
N TRP B 87 -9.76 -21.56 -16.39
CA TRP B 87 -9.99 -20.22 -16.91
C TRP B 87 -11.10 -19.47 -16.14
N CYS B 88 -10.94 -18.15 -16.09
CA CYS B 88 -11.78 -17.20 -15.35
C CYS B 88 -13.29 -17.32 -15.49
N THR B 89 -13.76 -17.88 -16.61
CA THR B 89 -15.20 -18.03 -16.88
C THR B 89 -15.79 -19.29 -16.23
N PHE B 90 -14.95 -20.03 -15.49
CA PHE B 90 -15.33 -21.26 -14.82
C PHE B 90 -15.05 -21.24 -13.32
N PHE B 91 -14.99 -20.03 -12.74
CA PHE B 91 -14.61 -19.84 -11.34
C PHE B 91 -15.78 -20.06 -10.37
N GLN B 92 -17.00 -20.03 -10.86
CA GLN B 92 -18.14 -20.39 -10.03
C GLN B 92 -17.97 -21.85 -9.59
N PRO B 93 -18.14 -22.14 -8.27
CA PRO B 93 -17.87 -23.45 -7.68
C PRO B 93 -18.39 -24.69 -8.44
N GLN B 94 -19.63 -24.62 -8.92
CA GLN B 94 -20.22 -25.76 -9.64
C GLN B 94 -19.60 -25.98 -11.02
N MET B 95 -18.84 -25.00 -11.50
CA MET B 95 -18.18 -25.08 -12.81
C MET B 95 -16.72 -25.54 -12.78
N VAL B 96 -16.12 -25.57 -11.59
CA VAL B 96 -14.70 -25.85 -11.42
C VAL B 96 -14.34 -27.29 -11.76
N GLN B 97 -15.01 -28.26 -11.14
CA GLN B 97 -14.67 -29.66 -11.36
C GLN B 97 -14.99 -30.12 -12.79
N PRO B 98 -16.17 -29.76 -13.33
CA PRO B 98 -16.43 -30.06 -14.74
C PRO B 98 -15.42 -29.46 -15.71
N ALA B 99 -14.94 -28.25 -15.44
CA ALA B 99 -13.87 -27.62 -16.24
C ALA B 99 -12.56 -28.44 -16.25
N LEU B 100 -12.16 -28.96 -15.09
CA LEU B 100 -11.00 -29.84 -14.99
C LEU B 100 -11.23 -31.15 -15.73
N GLU B 101 -12.39 -31.77 -15.51
CA GLU B 101 -12.71 -33.05 -16.13
C GLU B 101 -12.83 -32.94 -17.66
N SER B 102 -13.18 -31.74 -18.12
CA SER B 102 -13.25 -31.45 -19.54
C SER B 102 -11.85 -31.31 -20.18
N SER B 103 -10.88 -30.82 -19.41
CA SER B 103 -9.47 -30.80 -19.85
C SER B 103 -8.90 -32.22 -19.90
N LEU B 104 -9.23 -33.02 -18.87
CA LEU B 104 -8.77 -34.41 -18.75
C LEU B 104 -9.31 -35.27 -19.90
N LYS B 105 -10.54 -35.00 -20.32
CA LYS B 105 -11.15 -35.69 -21.45
C LYS B 105 -10.40 -35.42 -22.77
N LYS B 106 -10.05 -34.17 -23.01
CA LYS B 106 -9.31 -33.80 -24.22
C LYS B 106 -7.88 -34.36 -24.19
N LEU B 107 -7.26 -34.30 -23.03
CA LEU B 107 -5.92 -34.86 -22.80
C LEU B 107 -5.93 -36.39 -22.84
N GLN B 108 -7.06 -36.99 -22.51
CA GLN B 108 -7.19 -38.43 -22.31
C GLN B 108 -6.21 -38.95 -21.24
N LEU B 109 -6.02 -38.13 -20.21
CA LEU B 109 -5.21 -38.49 -19.07
C LEU B 109 -6.12 -38.63 -17.84
N ASP B 110 -5.63 -39.34 -16.83
CA ASP B 110 -6.41 -39.60 -15.61
C ASP B 110 -6.35 -38.42 -14.64
N TYR B 111 -5.24 -37.70 -14.67
CA TYR B 111 -5.01 -36.61 -13.73
C TYR B 111 -4.07 -35.59 -14.35
N VAL B 112 -4.08 -34.38 -13.79
CA VAL B 112 -3.05 -33.39 -14.07
C VAL B 112 -2.14 -33.36 -12.86
N ASP B 113 -0.86 -33.03 -13.06
CA ASP B 113 0.05 -32.92 -11.93
C ASP B 113 -0.19 -31.62 -11.16
N LEU B 114 -0.68 -30.59 -11.85
CA LEU B 114 -0.88 -29.28 -11.28
C LEU B 114 -2.03 -28.61 -11.99
N TYR B 115 -2.94 -28.01 -11.21
CA TYR B 115 -4.05 -27.23 -11.74
C TYR B 115 -4.07 -25.85 -11.09
N LEU B 116 -4.02 -24.80 -11.91
CA LEU B 116 -3.89 -23.42 -11.45
C LEU B 116 -5.16 -22.60 -11.69
N LEU B 117 -5.44 -21.67 -10.78
CA LEU B 117 -6.36 -20.59 -11.07
C LEU B 117 -5.56 -19.64 -11.97
N HIS B 118 -6.02 -19.42 -13.20
CA HIS B 118 -5.25 -18.76 -14.26
C HIS B 118 -4.97 -17.28 -13.97
N PHE B 119 -5.97 -16.63 -13.38
CA PHE B 119 -5.90 -15.25 -12.90
C PHE B 119 -6.82 -15.16 -11.68
N PRO B 120 -6.65 -14.14 -10.83
CA PRO B 120 -7.56 -13.93 -9.70
C PRO B 120 -8.89 -13.24 -10.02
N MET B 121 -9.25 -13.17 -11.30
CA MET B 121 -10.40 -12.41 -11.77
C MET B 121 -11.45 -13.31 -12.41
N ALA B 122 -12.61 -13.45 -11.78
CA ALA B 122 -13.76 -14.16 -12.39
C ALA B 122 -14.36 -13.35 -13.55
N LEU B 123 -14.68 -14.02 -14.66
CA LEU B 123 -15.34 -13.41 -15.83
C LEU B 123 -16.69 -14.10 -16.09
N LYS B 124 -17.56 -13.46 -16.88
CA LYS B 124 -18.91 -13.98 -17.18
C LYS B 124 -18.85 -15.38 -17.79
N PRO B 125 -19.60 -16.35 -17.20
CA PRO B 125 -19.64 -17.72 -17.73
C PRO B 125 -20.11 -17.83 -19.18
N GLY B 126 -19.40 -18.62 -19.96
CA GLY B 126 -19.73 -18.80 -21.37
C GLY B 126 -18.63 -19.51 -22.15
N GLU B 127 -18.95 -19.81 -23.41
CA GLU B 127 -18.00 -20.44 -24.34
C GLU B 127 -16.91 -19.46 -24.78
N THR B 128 -17.21 -18.16 -24.72
CA THR B 128 -16.21 -17.11 -24.99
C THR B 128 -15.33 -16.85 -23.77
N PRO B 129 -13.99 -16.95 -23.94
CA PRO B 129 -13.05 -16.67 -22.87
C PRO B 129 -12.93 -15.20 -22.46
N LEU B 130 -13.17 -14.29 -23.41
CA LEU B 130 -13.20 -12.85 -23.11
C LEU B 130 -14.53 -12.28 -23.57
N PRO B 131 -15.59 -12.48 -22.75
CA PRO B 131 -16.92 -12.09 -23.18
C PRO B 131 -17.07 -10.58 -23.12
N LYS B 132 -17.66 -9.99 -24.17
CA LYS B 132 -17.79 -8.54 -24.25
C LYS B 132 -19.25 -8.12 -24.36
N ASP B 133 -19.50 -6.84 -24.08
CA ASP B 133 -20.82 -6.23 -24.21
C ASP B 133 -20.91 -5.49 -25.55
N GLU B 134 -22.03 -4.80 -25.77
CA GLU B 134 -22.28 -4.03 -27.00
C GLU B 134 -21.17 -3.00 -27.31
N ASN B 135 -20.50 -2.48 -26.28
CA ASN B 135 -19.42 -1.49 -26.44
C ASN B 135 -18.02 -2.09 -26.51
N GLY B 136 -17.91 -3.42 -26.50
CA GLY B 136 -16.61 -4.10 -26.56
C GLY B 136 -15.81 -4.15 -25.26
N LYS B 137 -16.47 -3.93 -24.12
CA LYS B 137 -15.85 -4.02 -22.79
C LYS B 137 -16.06 -5.42 -22.22
N VAL B 138 -15.06 -5.96 -21.52
CA VAL B 138 -15.18 -7.30 -20.93
C VAL B 138 -16.17 -7.31 -19.76
N ILE B 139 -16.98 -8.38 -19.68
CA ILE B 139 -18.03 -8.53 -18.69
C ILE B 139 -17.49 -9.37 -17.53
N PHE B 140 -17.42 -8.76 -16.35
CA PHE B 140 -16.85 -9.41 -15.17
C PHE B 140 -17.92 -10.22 -14.44
N ASP B 141 -17.49 -10.96 -13.43
CA ASP B 141 -18.38 -11.74 -12.56
C ASP B 141 -17.89 -11.57 -11.11
N THR B 142 -18.78 -11.78 -10.14
CA THR B 142 -18.41 -11.66 -8.71
C THR B 142 -18.46 -13.04 -8.05
N VAL B 143 -17.29 -13.59 -7.77
CA VAL B 143 -17.15 -14.88 -7.12
C VAL B 143 -16.11 -14.75 -6.00
N ASP B 144 -16.45 -15.26 -4.82
CA ASP B 144 -15.49 -15.42 -3.72
C ASP B 144 -14.46 -16.48 -4.08
N LEU B 145 -13.19 -16.09 -4.24
CA LEU B 145 -12.16 -17.03 -4.69
C LEU B 145 -11.89 -18.16 -3.69
N SER B 146 -12.25 -17.94 -2.43
CA SER B 146 -12.17 -18.99 -1.41
C SER B 146 -13.16 -20.10 -1.70
N ALA B 147 -14.34 -19.74 -2.24
CA ALA B 147 -15.32 -20.73 -2.72
C ALA B 147 -14.77 -21.53 -3.93
N THR B 148 -14.17 -20.83 -4.88
CA THR B 148 -13.45 -21.45 -5.99
C THR B 148 -12.34 -22.36 -5.47
N TRP B 149 -11.58 -21.87 -4.49
CA TRP B 149 -10.44 -22.61 -3.97
C TRP B 149 -10.88 -23.90 -3.26
N GLU B 150 -11.99 -23.86 -2.54
CA GLU B 150 -12.51 -25.08 -1.91
C GLU B 150 -12.78 -26.22 -2.90
N VAL B 151 -13.22 -25.89 -4.11
CA VAL B 151 -13.48 -26.91 -5.12
C VAL B 151 -12.18 -27.38 -5.77
N MET B 152 -11.17 -26.51 -5.81
CA MET B 152 -9.82 -26.90 -6.24
C MET B 152 -9.25 -27.96 -5.28
N GLU B 153 -9.41 -27.71 -3.98
CA GLU B 153 -9.06 -28.69 -2.94
C GLU B 153 -9.81 -30.03 -3.09
N LYS B 154 -11.08 -29.94 -3.47
CA LYS B 154 -11.92 -31.11 -3.70
C LYS B 154 -11.44 -31.91 -4.91
N CYS B 155 -10.93 -31.24 -5.94
CA CYS B 155 -10.30 -31.88 -7.10
C CYS B 155 -9.00 -32.60 -6.75
N LYS B 156 -8.22 -32.06 -5.82
CA LYS B 156 -7.02 -32.75 -5.33
C LYS B 156 -7.37 -33.98 -4.50
N ASP B 157 -8.34 -33.83 -3.59
CA ASP B 157 -8.83 -34.94 -2.79
C ASP B 157 -9.45 -36.06 -3.65
N ALA B 158 -10.04 -35.69 -4.78
CA ALA B 158 -10.69 -36.64 -5.72
C ALA B 158 -9.68 -37.39 -6.59
N GLY B 159 -8.44 -36.89 -6.60
CA GLY B 159 -7.35 -37.52 -7.34
C GLY B 159 -7.17 -37.00 -8.75
N LEU B 160 -7.86 -35.89 -9.09
CA LEU B 160 -7.90 -35.36 -10.46
C LEU B 160 -6.77 -34.36 -10.73
N ALA B 161 -6.26 -33.75 -9.66
CA ALA B 161 -5.05 -32.93 -9.71
C ALA B 161 -4.19 -33.41 -8.56
N LYS B 162 -2.91 -33.69 -8.84
CA LYS B 162 -1.97 -34.06 -7.78
C LYS B 162 -1.68 -32.86 -6.89
N SER B 163 -1.47 -31.69 -7.50
CA SER B 163 -1.21 -30.44 -6.78
C SER B 163 -2.10 -29.28 -7.29
N ILE B 164 -2.33 -28.28 -6.44
CA ILE B 164 -3.08 -27.09 -6.84
C ILE B 164 -2.29 -25.80 -6.51
N GLY B 165 -2.54 -24.76 -7.31
CA GLY B 165 -1.76 -23.54 -7.25
C GLY B 165 -2.51 -22.42 -7.90
N VAL B 166 -1.86 -21.26 -7.98
CA VAL B 166 -2.45 -20.06 -8.57
C VAL B 166 -1.48 -19.44 -9.59
N SER B 167 -1.97 -18.45 -10.31
CA SER B 167 -1.22 -17.80 -11.35
C SER B 167 -1.62 -16.34 -11.38
N ASN B 168 -0.63 -15.44 -11.50
CA ASN B 168 -0.90 -13.99 -11.59
C ASN B 168 -1.61 -13.36 -10.38
N PHE B 169 -1.44 -13.96 -9.20
CA PHE B 169 -1.98 -13.41 -7.96
C PHE B 169 -0.93 -12.46 -7.35
N ASN B 170 -1.39 -11.35 -6.77
CA ASN B 170 -0.50 -10.49 -6.01
C ASN B 170 -0.41 -10.98 -4.55
N TYR B 171 0.47 -10.39 -3.74
CA TYR B 171 0.74 -10.97 -2.43
C TYR B 171 -0.50 -10.92 -1.51
N ARG B 172 -1.27 -9.84 -1.58
CA ARG B 172 -2.49 -9.75 -0.81
C ARG B 172 -3.55 -10.78 -1.24
N GLN B 173 -3.63 -11.08 -2.52
CA GLN B 173 -4.52 -12.12 -3.01
C GLN B 173 -4.11 -13.53 -2.56
N LEU B 174 -2.81 -13.79 -2.57
CA LEU B 174 -2.28 -15.03 -2.00
C LEU B 174 -2.67 -15.13 -0.51
N GLU B 175 -2.48 -14.05 0.23
CA GLU B 175 -2.84 -14.05 1.65
C GLU B 175 -4.32 -14.29 1.92
N MET B 176 -5.21 -13.81 1.04
CA MET B 176 -6.65 -14.13 1.15
C MET B 176 -6.87 -15.66 1.15
N ILE B 177 -6.08 -16.40 0.37
CA ILE B 177 -6.17 -17.87 0.38
C ILE B 177 -5.52 -18.47 1.62
N LEU B 178 -4.33 -17.97 1.98
CA LEU B 178 -3.55 -18.55 3.10
C LEU B 178 -4.22 -18.37 4.46
N ASN B 179 -4.92 -17.26 4.64
CA ASN B 179 -5.61 -16.92 5.92
C ASN B 179 -7.11 -17.26 5.92
N LYS B 180 -7.55 -18.02 4.91
CA LYS B 180 -8.91 -18.55 4.81
C LYS B 180 -9.15 -19.53 5.94
N PRO B 181 -10.23 -19.33 6.74
CA PRO B 181 -10.51 -20.29 7.81
C PRO B 181 -10.85 -21.69 7.30
N GLY B 182 -10.10 -22.68 7.75
CA GLY B 182 -10.29 -24.06 7.34
C GLY B 182 -9.55 -24.50 6.10
N LEU B 183 -8.63 -23.66 5.60
CA LEU B 183 -7.79 -23.98 4.45
C LEU B 183 -7.26 -25.39 4.60
N LYS B 184 -7.40 -26.20 3.56
CA LYS B 184 -6.88 -27.57 3.59
C LYS B 184 -5.53 -27.64 2.89
N TYR B 185 -5.43 -27.01 1.71
CA TYR B 185 -4.21 -27.06 0.92
C TYR B 185 -3.77 -25.68 0.47
N LYS B 186 -2.57 -25.28 0.90
CA LYS B 186 -1.95 -24.08 0.35
C LYS B 186 -1.73 -24.25 -1.14
N PRO B 187 -1.70 -23.12 -1.88
CA PRO B 187 -1.19 -23.18 -3.22
C PRO B 187 0.27 -23.68 -3.20
N VAL B 188 0.61 -24.57 -4.13
CA VAL B 188 2.02 -25.01 -4.22
C VAL B 188 2.88 -23.95 -4.89
N CYS B 189 2.24 -23.09 -5.68
CA CYS B 189 2.95 -22.11 -6.49
C CYS B 189 2.11 -20.90 -6.89
N ASN B 190 2.83 -19.86 -7.29
CA ASN B 190 2.25 -18.72 -7.97
C ASN B 190 3.04 -18.52 -9.27
N GLN B 191 2.44 -18.85 -10.40
CA GLN B 191 3.08 -18.68 -11.70
C GLN B 191 2.81 -17.27 -12.21
N VAL B 192 3.89 -16.48 -12.33
CA VAL B 192 3.83 -15.06 -12.67
C VAL B 192 4.90 -14.68 -13.70
N GLU B 193 4.69 -13.55 -14.36
CA GLU B 193 5.65 -12.97 -15.27
C GLU B 193 6.91 -12.66 -14.49
N CYS B 194 8.04 -13.14 -14.99
CA CYS B 194 9.30 -12.92 -14.31
C CYS B 194 10.48 -13.11 -15.27
N HIS B 195 11.39 -12.14 -15.25
CA HIS B 195 12.50 -12.04 -16.16
C HIS B 195 13.40 -10.91 -15.63
N PRO B 196 14.60 -10.71 -16.20
CA PRO B 196 15.49 -9.64 -15.70
C PRO B 196 14.97 -8.18 -15.65
N TYR B 197 13.97 -7.83 -16.46
CA TYR B 197 13.35 -6.50 -16.40
C TYR B 197 12.21 -6.39 -15.36
N LEU B 198 11.71 -7.53 -14.90
CA LEU B 198 10.71 -7.57 -13.84
C LEU B 198 11.01 -8.80 -13.02
N ASN B 199 11.99 -8.70 -12.14
CA ASN B 199 12.53 -9.87 -11.41
C ASN B 199 11.73 -10.35 -10.20
N GLN B 200 10.64 -9.68 -9.86
CA GLN B 200 9.71 -10.13 -8.79
C GLN B 200 10.37 -10.37 -7.43
N SER B 201 11.45 -9.67 -7.11
CA SER B 201 12.18 -9.97 -5.88
C SER B 201 11.30 -9.89 -4.64
N LYS B 202 10.37 -8.95 -4.60
CA LYS B 202 9.51 -8.75 -3.42
C LYS B 202 8.45 -9.84 -3.24
N LEU B 203 7.82 -10.23 -4.33
CA LEU B 203 6.85 -11.31 -4.35
C LEU B 203 7.53 -12.68 -4.18
N LEU B 204 8.73 -12.82 -4.74
CA LEU B 204 9.56 -14.01 -4.53
C LEU B 204 9.91 -14.22 -3.05
N ASP B 205 10.41 -13.17 -2.40
CA ASP B 205 10.67 -13.24 -0.96
C ASP B 205 9.44 -13.62 -0.16
N PHE B 206 8.28 -13.11 -0.59
CA PHE B 206 7.04 -13.39 0.13
C PHE B 206 6.66 -14.85 -0.04
N CYS B 207 6.63 -15.30 -1.28
CA CYS B 207 6.34 -16.68 -1.61
C CYS B 207 7.26 -17.64 -0.86
N LYS B 208 8.57 -17.36 -0.88
CA LYS B 208 9.55 -18.19 -0.20
C LYS B 208 9.22 -18.36 1.28
N SER B 209 8.77 -17.26 1.89
CA SER B 209 8.43 -17.24 3.33
C SER B 209 7.18 -18.06 3.67
N LYS B 210 6.39 -18.39 2.65
CA LYS B 210 5.19 -19.19 2.80
C LYS B 210 5.31 -20.56 2.10
N ASP B 211 6.54 -20.88 1.66
CA ASP B 211 6.86 -22.13 0.93
C ASP B 211 5.98 -22.35 -0.29
N ILE B 212 5.85 -21.27 -1.04
CA ILE B 212 5.17 -21.26 -2.34
C ILE B 212 6.24 -21.07 -3.41
N VAL B 213 6.23 -21.91 -4.45
CA VAL B 213 7.23 -21.81 -5.50
C VAL B 213 6.79 -20.68 -6.44
N LEU B 214 7.71 -19.82 -6.85
CA LEU B 214 7.41 -18.86 -7.91
C LEU B 214 7.83 -19.53 -9.21
N VAL B 215 6.88 -19.67 -10.15
CA VAL B 215 7.16 -20.25 -11.47
C VAL B 215 7.15 -19.07 -12.47
N ALA B 216 8.24 -18.87 -13.19
CA ALA B 216 8.37 -17.74 -14.10
C ALA B 216 7.77 -18.06 -15.47
N HIS B 217 6.71 -17.35 -15.83
CA HIS B 217 6.27 -17.28 -17.21
C HIS B 217 6.82 -16.02 -17.87
N SER B 218 6.76 -15.96 -19.19
CA SER B 218 7.31 -14.83 -19.97
C SER B 218 8.79 -14.55 -19.64
N ALA B 219 9.53 -15.63 -19.35
CA ALA B 219 10.91 -15.54 -18.85
C ALA B 219 11.95 -15.15 -19.90
N LEU B 220 11.56 -15.23 -21.18
CA LEU B 220 12.37 -14.74 -22.30
C LEU B 220 11.78 -13.44 -22.90
N GLY B 221 10.92 -12.77 -22.13
CA GLY B 221 10.34 -11.51 -22.52
C GLY B 221 9.14 -11.61 -23.43
N THR B 222 8.43 -12.74 -23.36
CA THR B 222 7.20 -13.01 -24.15
C THR B 222 7.43 -13.32 -25.64
N GLN B 223 6.36 -13.79 -26.27
CA GLN B 223 6.26 -13.95 -27.73
C GLN B 223 5.98 -12.64 -28.44
N ARG B 224 5.67 -11.59 -27.67
CA ARG B 224 5.41 -10.25 -28.21
C ARG B 224 4.26 -10.21 -29.24
N HIS B 225 3.20 -10.95 -28.95
CA HIS B 225 2.05 -11.05 -29.85
C HIS B 225 1.05 -9.90 -29.65
N LYS B 226 0.50 -9.37 -30.73
CA LYS B 226 -0.40 -8.21 -30.68
C LYS B 226 -1.61 -8.38 -29.73
N LEU B 227 -2.01 -9.62 -29.46
CA LEU B 227 -3.12 -9.92 -28.54
C LEU B 227 -2.81 -9.59 -27.08
N TRP B 228 -1.56 -9.76 -26.66
CA TRP B 228 -1.22 -9.66 -25.24
C TRP B 228 -0.20 -8.59 -24.89
N VAL B 229 0.63 -8.16 -25.85
CA VAL B 229 1.84 -7.40 -25.59
C VAL B 229 2.00 -6.23 -26.56
N ASP B 230 2.35 -5.06 -26.02
CA ASP B 230 2.56 -3.84 -26.80
C ASP B 230 3.87 -3.97 -27.59
N PRO B 231 3.83 -3.78 -28.92
CA PRO B 231 5.06 -3.90 -29.72
C PRO B 231 6.13 -2.84 -29.45
N ASN B 232 5.75 -1.74 -28.78
CA ASN B 232 6.72 -0.70 -28.39
C ASN B 232 7.49 -1.01 -27.11
N SER B 233 7.10 -2.08 -26.45
CA SER B 233 7.83 -2.58 -25.30
C SER B 233 9.28 -2.95 -25.68
N PRO B 234 10.24 -2.86 -24.74
CA PRO B 234 11.64 -3.16 -25.07
C PRO B 234 11.86 -4.65 -25.32
N VAL B 235 12.71 -5.00 -26.28
CA VAL B 235 13.00 -6.42 -26.59
C VAL B 235 14.02 -6.93 -25.58
N LEU B 236 13.57 -7.77 -24.63
CA LEU B 236 14.45 -8.32 -23.57
C LEU B 236 15.71 -8.96 -24.11
N LEU B 237 15.58 -9.83 -25.09
CA LEU B 237 16.71 -10.62 -25.53
C LEU B 237 17.74 -9.83 -26.33
N GLU B 238 17.38 -8.62 -26.76
CA GLU B 238 18.32 -7.72 -27.45
C GLU B 238 19.12 -6.85 -26.47
N ASP B 239 18.92 -7.02 -25.17
CA ASP B 239 19.59 -6.19 -24.14
C ASP B 239 21.10 -6.40 -24.19
N PRO B 240 21.89 -5.31 -24.37
CA PRO B 240 23.34 -5.46 -24.58
C PRO B 240 24.16 -6.05 -23.40
N VAL B 241 23.64 -5.96 -22.18
CA VAL B 241 24.30 -6.52 -21.00
C VAL B 241 24.10 -8.04 -20.94
N LEU B 242 22.86 -8.46 -21.20
CA LEU B 242 22.49 -9.87 -21.37
C LEU B 242 23.26 -10.55 -22.50
N CYS B 243 23.51 -9.80 -23.57
CA CYS B 243 24.32 -10.31 -24.69
C CYS B 243 25.81 -10.40 -24.34
N ALA B 244 26.32 -9.48 -23.52
CA ALA B 244 27.72 -9.50 -23.06
C ALA B 244 27.99 -10.73 -22.23
N LEU B 245 27.04 -11.07 -21.35
CA LEU B 245 27.13 -12.24 -20.50
C LEU B 245 26.96 -13.52 -21.33
N ALA B 246 26.05 -13.48 -22.30
CA ALA B 246 25.87 -14.60 -23.25
C ALA B 246 27.16 -14.90 -24.01
N LYS B 247 27.89 -13.86 -24.40
CA LYS B 247 29.17 -14.00 -25.10
C LYS B 247 30.29 -14.49 -24.18
N LYS B 248 30.40 -13.91 -22.99
CA LYS B 248 31.33 -14.36 -21.94
C LYS B 248 31.25 -15.87 -21.73
N HIS B 249 30.02 -16.39 -21.62
CA HIS B 249 29.78 -17.81 -21.38
C HIS B 249 29.66 -18.67 -22.64
N LYS B 250 29.74 -18.08 -23.83
CA LYS B 250 29.59 -18.80 -25.09
C LYS B 250 28.23 -19.54 -25.13
N ARG B 251 27.20 -18.79 -24.78
CA ARG B 251 25.82 -19.25 -24.75
C ARG B 251 24.99 -18.23 -25.52
N THR B 252 23.71 -18.13 -25.19
CA THR B 252 22.82 -17.18 -25.85
C THR B 252 22.10 -16.39 -24.78
N PRO B 253 21.58 -15.20 -25.13
CA PRO B 253 20.82 -14.41 -24.17
C PRO B 253 19.68 -15.19 -23.51
N ALA B 254 18.98 -16.01 -24.28
CA ALA B 254 17.89 -16.83 -23.75
C ALA B 254 18.38 -17.75 -22.65
N LEU B 255 19.53 -18.39 -22.87
CA LEU B 255 20.13 -19.28 -21.84
C LEU B 255 20.55 -18.57 -20.56
N ILE B 256 21.01 -17.32 -20.71
CA ILE B 256 21.35 -16.46 -19.58
C ILE B 256 20.09 -16.12 -18.77
N ALA B 257 19.00 -15.78 -19.46
CA ALA B 257 17.75 -15.41 -18.82
C ALA B 257 17.09 -16.58 -18.09
N LEU B 258 17.21 -17.78 -18.65
CA LEU B 258 16.73 -19.00 -17.99
C LEU B 258 17.59 -19.40 -16.76
N ARG B 259 18.91 -19.38 -16.92
CA ARG B 259 19.83 -19.76 -15.84
C ARG B 259 19.73 -18.80 -14.64
N TYR B 260 19.50 -17.52 -14.93
CA TYR B 260 19.21 -16.49 -13.90
C TYR B 260 18.13 -16.95 -12.93
N GLN B 261 17.04 -17.46 -13.47
CA GLN B 261 15.90 -17.90 -12.66
C GLN B 261 16.25 -19.13 -11.84
N LEU B 262 16.88 -20.11 -12.48
CA LEU B 262 17.27 -21.34 -11.78
C LEU B 262 18.18 -21.07 -10.58
N GLN B 263 19.15 -20.18 -10.76
CA GLN B 263 20.12 -19.87 -9.70
C GLN B 263 19.55 -19.00 -8.57
N ARG B 264 18.34 -18.47 -8.73
CA ARG B 264 17.66 -17.71 -7.65
C ARG B 264 16.43 -18.43 -7.06
N GLY B 265 16.26 -19.71 -7.40
CA GLY B 265 15.21 -20.52 -6.80
C GLY B 265 13.85 -20.38 -7.46
N VAL B 266 13.82 -20.00 -8.72
CA VAL B 266 12.59 -19.83 -9.46
C VAL B 266 12.52 -20.97 -10.47
N VAL B 267 11.35 -21.59 -10.55
CA VAL B 267 11.08 -22.60 -11.57
C VAL B 267 10.75 -21.81 -12.83
N VAL B 268 11.34 -22.18 -13.96
CA VAL B 268 11.27 -21.34 -15.15
C VAL B 268 10.69 -22.11 -16.32
N LEU B 269 9.77 -21.48 -17.04
CA LEU B 269 9.20 -22.03 -18.27
C LEU B 269 9.88 -21.42 -19.49
N ALA B 270 9.92 -22.16 -20.58
CA ALA B 270 10.40 -21.62 -21.86
C ALA B 270 9.57 -22.19 -22.99
N LYS B 271 8.91 -21.32 -23.74
CA LYS B 271 8.20 -21.75 -24.95
C LYS B 271 9.13 -21.66 -26.17
N SER B 272 9.18 -22.76 -26.93
CA SER B 272 9.71 -22.74 -28.29
C SER B 272 9.03 -23.81 -29.14
N TYR B 273 8.70 -23.42 -30.38
CA TYR B 273 8.13 -24.31 -31.39
C TYR B 273 9.17 -24.51 -32.50
N ASN B 274 10.44 -24.26 -32.17
CA ASN B 274 11.58 -24.46 -33.06
C ASN B 274 12.45 -25.59 -32.52
N GLU B 275 12.80 -26.55 -33.38
CA GLU B 275 13.53 -27.73 -32.93
C GLU B 275 14.90 -27.39 -32.31
N GLN B 276 15.68 -26.55 -32.99
CA GLN B 276 17.02 -26.17 -32.53
C GLN B 276 16.95 -25.46 -31.17
N ARG B 277 15.98 -24.56 -31.06
CA ARG B 277 15.80 -23.75 -29.87
C ARG B 277 15.26 -24.56 -28.66
N ILE B 278 14.38 -25.53 -28.90
CA ILE B 278 13.99 -26.49 -27.85
C ILE B 278 15.22 -27.20 -27.26
N ARG B 279 16.08 -27.71 -28.14
CA ARG B 279 17.30 -28.43 -27.75
C ARG B 279 18.32 -27.53 -27.03
N GLU B 280 18.40 -26.28 -27.46
CA GLU B 280 19.26 -25.26 -26.83
C GLU B 280 18.82 -24.94 -25.40
N ASN B 281 17.50 -24.82 -25.18
CA ASN B 281 17.02 -24.34 -23.89
C ASN B 281 17.29 -25.30 -22.71
N ILE B 282 17.35 -26.59 -22.99
CA ILE B 282 17.58 -27.59 -21.95
C ILE B 282 19.09 -27.64 -21.59
N GLN B 283 19.91 -26.95 -22.38
CA GLN B 283 21.32 -26.75 -22.09
C GLN B 283 21.55 -25.71 -21.01
N VAL B 284 20.49 -25.13 -20.46
CA VAL B 284 20.62 -24.29 -19.28
C VAL B 284 21.25 -25.07 -18.11
N PHE B 285 21.19 -26.40 -18.13
CA PHE B 285 21.76 -27.22 -17.07
C PHE B 285 23.25 -27.50 -17.27
N GLU B 286 23.83 -26.99 -18.36
CA GLU B 286 25.22 -27.28 -18.72
C GLU B 286 26.25 -26.19 -18.35
N PHE B 287 25.79 -25.06 -17.81
CA PHE B 287 26.70 -23.99 -17.41
C PHE B 287 26.15 -23.25 -16.18
N GLN B 288 27.02 -22.50 -15.51
CA GLN B 288 26.65 -21.71 -14.33
C GLN B 288 27.04 -20.24 -14.52
N LEU B 289 26.21 -19.37 -13.97
CA LEU B 289 26.53 -17.96 -13.79
C LEU B 289 27.29 -17.72 -12.47
N THR B 290 28.27 -16.83 -12.52
CA THR B 290 29.03 -16.48 -11.32
C THR B 290 28.17 -15.62 -10.38
N SER B 291 28.61 -15.48 -9.14
CA SER B 291 28.00 -14.54 -8.18
C SER B 291 27.85 -13.12 -8.75
N GLU B 292 28.90 -12.64 -9.43
CA GLU B 292 28.91 -11.29 -9.97
C GLU B 292 27.96 -11.13 -11.16
N ASP B 293 27.86 -12.16 -11.98
CA ASP B 293 26.88 -12.21 -13.07
C ASP B 293 25.46 -12.04 -12.56
N MET B 294 25.10 -12.71 -11.48
CA MET B 294 23.73 -12.67 -10.94
C MET B 294 23.37 -11.28 -10.39
N LYS B 295 24.36 -10.62 -9.82
CA LYS B 295 24.26 -9.27 -9.29
C LYS B 295 24.14 -8.24 -10.44
N VAL B 296 24.91 -8.42 -11.51
CA VAL B 296 24.74 -7.66 -12.74
C VAL B 296 23.32 -7.83 -13.33
N LEU B 297 22.80 -9.05 -13.39
CA LEU B 297 21.44 -9.30 -13.90
C LEU B 297 20.30 -8.76 -13.00
N ASP B 298 20.56 -8.69 -11.69
CA ASP B 298 19.64 -8.04 -10.73
C ASP B 298 19.52 -6.53 -11.02
N GLY B 299 20.61 -5.92 -11.49
CA GLY B 299 20.61 -4.51 -11.87
C GLY B 299 19.90 -4.18 -13.16
N LEU B 300 19.42 -5.21 -13.85
CA LEU B 300 18.65 -4.98 -15.07
C LEU B 300 17.17 -4.64 -14.75
N ASN B 301 16.73 -4.91 -13.52
CA ASN B 301 15.32 -4.71 -13.15
C ASN B 301 14.83 -3.30 -13.42
N ARG B 302 13.68 -3.21 -14.11
CA ARG B 302 13.05 -1.96 -14.53
C ARG B 302 11.59 -1.86 -14.07
N ASN B 303 11.11 -2.89 -13.36
CA ASN B 303 9.67 -3.07 -13.09
C ASN B 303 8.86 -2.98 -14.38
N TYR B 304 9.41 -3.49 -15.49
CA TYR B 304 8.70 -3.46 -16.78
C TYR B 304 7.88 -4.72 -16.99
N ARG B 305 6.58 -4.55 -17.11
CA ARG B 305 5.61 -5.63 -17.27
C ARG B 305 5.07 -5.68 -18.70
N TYR B 306 5.23 -6.83 -19.34
CA TYR B 306 4.74 -7.07 -20.70
C TYR B 306 3.27 -7.48 -20.71
N VAL B 307 2.91 -8.43 -19.84
CA VAL B 307 1.55 -8.96 -19.79
C VAL B 307 0.74 -8.16 -18.75
N VAL B 308 0.19 -7.05 -19.22
CA VAL B 308 -0.54 -6.09 -18.39
C VAL B 308 -2.04 -6.39 -18.32
N MET B 309 -2.60 -6.99 -19.38
CA MET B 309 -4.02 -7.35 -19.41
C MET B 309 -4.86 -6.10 -19.19
N ASP B 310 -4.49 -5.00 -19.83
CA ASP B 310 -5.06 -3.68 -19.48
C ASP B 310 -6.56 -3.55 -19.76
N PHE B 311 -7.11 -4.48 -20.55
CA PHE B 311 -8.56 -4.57 -20.76
C PHE B 311 -9.31 -5.14 -19.54
N LEU B 312 -8.56 -5.62 -18.54
CA LEU B 312 -9.14 -6.10 -17.29
C LEU B 312 -8.86 -5.16 -16.10
N MET B 313 -8.33 -3.97 -16.38
CA MET B 313 -7.91 -3.02 -15.33
C MET B 313 -9.02 -2.54 -14.41
N ASP B 314 -10.24 -2.45 -14.95
CA ASP B 314 -11.38 -2.05 -14.13
C ASP B 314 -11.94 -3.20 -13.29
N HIS B 315 -11.36 -4.40 -13.41
CA HIS B 315 -11.79 -5.53 -12.60
C HIS B 315 -11.41 -5.24 -11.16
N PRO B 316 -12.36 -5.42 -10.21
CA PRO B 316 -12.06 -5.28 -8.79
C PRO B 316 -10.80 -6.04 -8.35
N ASP B 317 -10.61 -7.25 -8.88
CA ASP B 317 -9.50 -8.11 -8.49
C ASP B 317 -8.33 -8.08 -9.49
N TYR B 318 -8.24 -7.03 -10.30
CA TYR B 318 -7.07 -6.81 -11.13
C TYR B 318 -5.81 -6.83 -10.27
N PRO B 319 -4.83 -7.71 -10.60
CA PRO B 319 -3.71 -7.94 -9.68
C PRO B 319 -2.52 -7.00 -9.79
N PHE B 320 -2.37 -6.28 -10.90
CA PHE B 320 -1.11 -5.59 -11.20
C PHE B 320 -1.04 -4.11 -10.81
N SER B 321 -2.05 -3.58 -10.13
CA SER B 321 -2.01 -2.17 -9.68
C SER B 321 -1.29 -2.05 -8.33
N ASP B 322 -1.39 -3.08 -7.49
CA ASP B 322 -0.55 -3.18 -6.29
C ASP B 322 0.92 -3.22 -6.66
N GLU B 323 1.76 -2.72 -5.77
CA GLU B 323 3.21 -2.74 -5.97
C GLU B 323 3.68 -4.15 -6.30
N TYR B 324 3.28 -5.10 -5.46
CA TYR B 324 3.51 -6.53 -5.68
C TYR B 324 2.43 -7.37 -5.00
N MET C 2 32.77 31.40 -10.38
CA MET C 2 31.25 31.42 -10.42
C MET C 2 30.68 31.61 -9.01
N ASP C 3 29.76 32.57 -8.87
CA ASP C 3 29.09 32.82 -7.59
C ASP C 3 28.28 31.56 -7.25
N PRO C 4 28.39 31.06 -6.00
CA PRO C 4 27.57 29.93 -5.53
C PRO C 4 26.07 30.02 -5.86
N LYS C 5 25.51 31.23 -5.95
CA LYS C 5 24.07 31.38 -6.16
C LYS C 5 23.57 30.96 -7.52
N TYR C 6 24.50 30.77 -8.47
CA TYR C 6 24.15 30.23 -9.79
C TYR C 6 24.30 28.70 -9.94
N GLN C 7 24.53 27.98 -8.84
CA GLN C 7 24.54 26.52 -8.82
C GLN C 7 23.33 25.92 -9.53
N ARG C 8 23.61 24.93 -10.38
CA ARG C 8 22.59 24.17 -11.10
C ARG C 8 22.77 22.67 -10.85
N VAL C 9 21.73 21.89 -11.12
CA VAL C 9 21.80 20.43 -11.06
C VAL C 9 21.47 19.91 -12.46
N GLU C 10 22.17 18.86 -12.86
CA GLU C 10 21.93 18.26 -14.19
C GLU C 10 20.66 17.40 -14.20
N LEU C 11 19.74 17.69 -15.13
CA LEU C 11 18.50 16.90 -15.25
C LEU C 11 18.77 15.66 -16.08
N ASN C 12 17.87 14.67 -16.00
CA ASN C 12 18.08 13.40 -16.75
C ASN C 12 17.99 13.49 -18.29
N ASP C 13 17.70 14.69 -18.83
CA ASP C 13 17.71 14.96 -20.27
C ASP C 13 18.91 15.81 -20.70
N GLY C 14 19.83 16.08 -19.77
CA GLY C 14 21.07 16.78 -20.07
C GLY C 14 21.05 18.28 -19.82
N HIS C 15 19.87 18.82 -19.52
CA HIS C 15 19.72 20.23 -19.20
C HIS C 15 20.02 20.46 -17.72
N PHE C 16 20.21 21.73 -17.35
CA PHE C 16 20.59 22.12 -16.01
C PHE C 16 19.54 23.04 -15.40
N MET C 17 19.20 22.77 -14.15
CA MET C 17 18.20 23.56 -13.41
C MET C 17 18.85 24.25 -12.21
N PRO C 18 18.69 25.58 -12.05
CA PRO C 18 19.20 26.20 -10.83
C PRO C 18 18.54 25.62 -9.56
N VAL C 19 19.34 25.46 -8.51
CA VAL C 19 18.92 24.73 -7.28
C VAL C 19 18.01 25.54 -6.34
N LEU C 20 17.93 26.86 -6.57
CA LEU C 20 16.96 27.73 -5.91
C LEU C 20 16.07 28.41 -6.95
N GLY C 21 14.75 28.34 -6.76
CA GLY C 21 13.81 29.01 -7.63
C GLY C 21 12.93 30.04 -6.94
N PHE C 22 12.40 30.94 -7.74
CA PHE C 22 11.52 31.99 -7.25
C PHE C 22 10.08 31.58 -7.51
N GLY C 23 9.28 31.44 -6.45
CA GLY C 23 7.88 31.15 -6.58
C GLY C 23 7.10 32.42 -6.84
N THR C 24 6.17 32.38 -7.79
CA THR C 24 5.51 33.59 -8.28
C THR C 24 4.03 33.74 -7.87
N TYR C 25 3.44 32.73 -7.24
CA TYR C 25 2.02 32.77 -6.94
C TYR C 25 1.67 33.81 -5.86
N ALA C 26 0.75 34.69 -6.21
CA ALA C 26 0.16 35.62 -5.29
C ALA C 26 -1.34 35.46 -5.47
N PRO C 27 -2.10 35.51 -4.35
CA PRO C 27 -3.54 35.32 -4.43
C PRO C 27 -4.25 36.48 -5.15
N PRO C 28 -5.52 36.26 -5.55
CA PRO C 28 -6.22 37.23 -6.43
C PRO C 28 -6.37 38.65 -5.90
N GLU C 29 -6.34 38.82 -4.57
CA GLU C 29 -6.45 40.16 -3.97
C GLU C 29 -5.17 41.01 -4.07
N VAL C 30 -4.06 40.40 -4.47
CA VAL C 30 -2.82 41.14 -4.75
C VAL C 30 -2.86 41.68 -6.18
N PRO C 31 -2.72 43.02 -6.37
CA PRO C 31 -2.76 43.58 -7.73
C PRO C 31 -1.83 42.87 -8.71
N ARG C 32 -2.35 42.56 -9.89
CA ARG C 32 -1.61 41.78 -10.89
C ARG C 32 -0.25 42.38 -11.21
N ASN C 33 -0.18 43.70 -11.26
CA ASN C 33 1.05 44.42 -11.61
C ASN C 33 2.22 44.23 -10.62
N ARG C 34 1.90 43.82 -9.39
CA ARG C 34 2.93 43.58 -8.39
C ARG C 34 3.86 42.43 -8.81
N ALA C 35 3.35 41.46 -9.55
CA ALA C 35 4.17 40.36 -10.08
C ALA C 35 5.30 40.83 -10.99
N VAL C 36 5.10 41.93 -11.70
CA VAL C 36 6.14 42.46 -12.60
C VAL C 36 7.30 43.01 -11.76
N GLU C 37 6.97 43.81 -10.74
CA GLU C 37 7.95 44.45 -9.86
C GLU C 37 8.78 43.43 -9.09
N VAL C 38 8.13 42.44 -8.48
CA VAL C 38 8.81 41.49 -7.62
C VAL C 38 9.66 40.50 -8.42
N THR C 39 9.21 40.13 -9.62
CA THR C 39 9.98 39.23 -10.49
C THR C 39 11.27 39.93 -10.96
N LYS C 40 11.19 41.24 -11.21
CA LYS C 40 12.37 42.02 -11.54
C LYS C 40 13.35 42.08 -10.37
N LEU C 41 12.82 42.29 -9.17
CA LEU C 41 13.63 42.31 -7.93
C LEU C 41 14.30 40.97 -7.67
N ALA C 42 13.57 39.89 -7.91
CA ALA C 42 14.12 38.53 -7.82
C ALA C 42 15.28 38.30 -8.81
N ILE C 43 15.10 38.67 -10.08
CA ILE C 43 16.20 38.60 -11.07
C ILE C 43 17.41 39.47 -10.65
N GLU C 44 17.15 40.65 -10.12
CA GLU C 44 18.18 41.55 -9.63
C GLU C 44 19.01 40.95 -8.50
N ALA C 45 18.34 40.29 -7.54
CA ALA C 45 18.99 39.64 -6.42
C ALA C 45 19.82 38.42 -6.85
N GLY C 46 19.50 37.84 -8.01
CA GLY C 46 20.26 36.71 -8.56
C GLY C 46 19.49 35.43 -8.87
N PHE C 47 18.17 35.46 -8.65
CA PHE C 47 17.29 34.36 -9.04
C PHE C 47 17.26 34.18 -10.55
N ARG C 48 17.31 32.92 -10.98
CA ARG C 48 17.26 32.56 -12.40
C ARG C 48 16.18 31.54 -12.70
N HIS C 49 15.88 30.67 -11.75
CA HIS C 49 14.81 29.70 -11.85
C HIS C 49 13.54 30.43 -11.40
N ILE C 50 12.57 30.57 -12.30
CA ILE C 50 11.31 31.25 -11.98
C ILE C 50 10.16 30.26 -12.18
N ASP C 51 9.34 30.05 -11.15
CA ASP C 51 8.28 29.04 -11.19
C ASP C 51 6.90 29.64 -11.29
N SER C 52 6.18 29.35 -12.38
CA SER C 52 4.79 29.82 -12.51
C SER C 52 3.87 28.74 -13.08
N ALA C 53 2.69 29.16 -13.55
CA ALA C 53 1.63 28.23 -13.98
C ALA C 53 0.46 29.00 -14.57
N TYR C 54 -0.34 28.32 -15.40
CA TYR C 54 -1.62 28.84 -15.87
C TYR C 54 -2.53 29.28 -14.70
N LEU C 55 -2.59 28.44 -13.67
CA LEU C 55 -3.44 28.64 -12.51
C LEU C 55 -3.16 29.96 -11.79
N TYR C 56 -1.91 30.40 -11.82
CA TYR C 56 -1.46 31.52 -11.00
C TYR C 56 -1.91 32.86 -11.57
N ASN C 57 -2.37 32.87 -12.82
CA ASN C 57 -2.91 34.07 -13.46
C ASN C 57 -1.90 35.23 -13.40
N ASN C 58 -0.66 34.94 -13.82
CA ASN C 58 0.42 35.92 -13.76
C ASN C 58 1.44 35.88 -14.91
N GLU C 59 1.27 34.98 -15.88
CA GLU C 59 2.29 34.74 -16.93
C GLU C 59 2.56 35.95 -17.82
N GLU C 60 1.54 36.78 -18.02
CA GLU C 60 1.68 38.01 -18.74
C GLU C 60 2.62 39.00 -18.01
N GLN C 61 2.46 39.09 -16.70
CA GLN C 61 3.26 39.97 -15.84
C GLN C 61 4.67 39.42 -15.61
N VAL C 62 4.78 38.12 -15.39
CA VAL C 62 6.07 37.44 -15.21
C VAL C 62 6.89 37.47 -16.50
N GLY C 63 6.24 37.23 -17.63
CA GLY C 63 6.89 37.34 -18.93
C GLY C 63 7.43 38.73 -19.20
N LEU C 64 6.66 39.75 -18.82
CA LEU C 64 7.08 41.14 -18.99
C LEU C 64 8.32 41.48 -18.16
N ALA C 65 8.37 41.00 -16.92
CA ALA C 65 9.54 41.17 -16.06
C ALA C 65 10.79 40.51 -16.68
N ILE C 66 10.67 39.27 -17.11
CA ILE C 66 11.77 38.55 -17.75
C ILE C 66 12.28 39.32 -18.97
N ARG C 67 11.37 39.70 -19.86
CA ARG C 67 11.74 40.36 -21.13
C ARG C 67 12.34 41.74 -20.94
N SER C 68 11.88 42.45 -19.91
CA SER C 68 12.42 43.77 -19.55
C SER C 68 13.87 43.67 -19.06
N LYS C 69 14.15 42.65 -18.25
CA LYS C 69 15.49 42.40 -17.77
C LYS C 69 16.43 41.87 -18.86
N ILE C 70 15.90 41.21 -19.88
CA ILE C 70 16.72 40.82 -21.03
C ILE C 70 17.11 42.07 -21.83
N ALA C 71 16.13 42.95 -22.07
CA ALA C 71 16.28 44.16 -22.89
C ALA C 71 17.28 45.19 -22.36
N ASP C 72 17.31 45.37 -21.05
CA ASP C 72 18.25 46.29 -20.41
C ASP C 72 19.61 45.62 -20.03
N GLY C 73 19.77 44.35 -20.40
CA GLY C 73 21.07 43.67 -20.30
C GLY C 73 21.39 43.06 -18.95
N SER C 74 20.41 43.02 -18.06
CA SER C 74 20.59 42.49 -16.73
C SER C 74 20.72 40.97 -16.71
N VAL C 75 20.17 40.31 -17.72
CA VAL C 75 20.22 38.85 -17.83
C VAL C 75 20.02 38.46 -19.30
N LYS C 76 20.40 37.24 -19.64
CA LYS C 76 20.16 36.64 -20.94
C LYS C 76 19.11 35.54 -20.79
N ARG C 77 18.32 35.31 -21.84
CA ARG C 77 17.27 34.27 -21.79
C ARG C 77 17.84 32.88 -21.44
N GLU C 78 18.99 32.55 -22.01
CA GLU C 78 19.66 31.29 -21.75
C GLU C 78 20.00 31.06 -20.27
N ASP C 79 20.10 32.14 -19.50
CA ASP C 79 20.40 32.04 -18.09
C ASP C 79 19.15 32.02 -17.22
N ILE C 80 17.98 32.28 -17.81
CA ILE C 80 16.68 32.14 -17.11
C ILE C 80 16.15 30.71 -17.28
N PHE C 81 15.69 30.14 -16.17
CA PHE C 81 15.02 28.85 -16.19
C PHE C 81 13.56 29.09 -15.80
N TYR C 82 12.68 29.14 -16.81
CA TYR C 82 11.27 29.43 -16.59
C TYR C 82 10.45 28.13 -16.61
N THR C 83 9.66 27.94 -15.57
CA THR C 83 8.77 26.81 -15.48
C THR C 83 7.31 27.25 -15.60
N SER C 84 6.55 26.54 -16.42
CA SER C 84 5.09 26.62 -16.41
C SER C 84 4.47 25.25 -16.15
N LYS C 85 3.16 25.23 -15.92
CA LYS C 85 2.47 24.01 -15.59
C LYS C 85 1.18 23.93 -16.37
N LEU C 86 0.89 22.74 -16.90
CA LEU C 86 -0.39 22.41 -17.54
C LEU C 86 -1.45 22.12 -16.48
N TRP C 87 -2.51 22.91 -16.47
CA TRP C 87 -3.58 22.71 -15.51
C TRP C 87 -4.52 21.55 -15.90
N CYS C 88 -5.13 20.97 -14.88
CA CYS C 88 -5.97 19.78 -14.95
C CYS C 88 -7.11 19.77 -15.95
N THR C 89 -7.55 20.94 -16.41
CA THR C 89 -8.65 21.04 -17.34
C THR C 89 -8.22 20.95 -18.80
N PHE C 90 -6.92 20.79 -19.04
CA PHE C 90 -6.36 20.70 -20.38
C PHE C 90 -5.60 19.40 -20.61
N PHE C 91 -5.94 18.37 -19.83
CA PHE C 91 -5.21 17.10 -19.84
C PHE C 91 -5.55 16.17 -21.00
N GLN C 92 -6.65 16.46 -21.69
CA GLN C 92 -7.03 15.69 -22.86
C GLN C 92 -6.00 15.98 -23.94
N PRO C 93 -5.49 14.93 -24.63
CA PRO C 93 -4.37 15.07 -25.56
C PRO C 93 -4.47 16.24 -26.53
N GLN C 94 -5.64 16.42 -27.13
CA GLN C 94 -5.85 17.50 -28.09
C GLN C 94 -5.73 18.93 -27.47
N MET C 95 -5.82 19.03 -26.15
CA MET C 95 -5.76 20.29 -25.42
C MET C 95 -4.36 20.65 -24.85
N VAL C 96 -3.42 19.71 -24.85
CA VAL C 96 -2.14 19.91 -24.17
C VAL C 96 -1.24 20.94 -24.85
N GLN C 97 -1.03 20.76 -26.15
CA GLN C 97 -0.15 21.65 -26.88
C GLN C 97 -0.70 23.09 -27.01
N PRO C 98 -2.00 23.25 -27.34
CA PRO C 98 -2.60 24.60 -27.31
C PRO C 98 -2.53 25.32 -25.96
N ALA C 99 -2.56 24.56 -24.86
CA ALA C 99 -2.41 25.15 -23.52
C ALA C 99 -1.01 25.72 -23.36
N LEU C 100 -0.01 24.94 -23.77
CA LEU C 100 1.37 25.38 -23.74
C LEU C 100 1.58 26.62 -24.62
N GLU C 101 1.15 26.54 -25.88
CA GLU C 101 1.22 27.67 -26.80
C GLU C 101 0.51 28.92 -26.29
N SER C 102 -0.56 28.73 -25.54
CA SER C 102 -1.31 29.86 -24.98
C SER C 102 -0.53 30.56 -23.86
N SER C 103 0.20 29.77 -23.07
CA SER C 103 1.06 30.33 -22.02
C SER C 103 2.21 31.11 -22.65
N LEU C 104 2.86 30.52 -23.66
CA LEU C 104 3.96 31.17 -24.38
C LEU C 104 3.50 32.47 -25.02
N LYS C 105 2.28 32.49 -25.54
CA LYS C 105 1.69 33.70 -26.12
C LYS C 105 1.52 34.83 -25.09
N LYS C 106 1.11 34.45 -23.87
CA LYS C 106 0.95 35.39 -22.76
C LYS C 106 2.29 35.90 -22.26
N LEU C 107 3.26 34.98 -22.18
CA LEU C 107 4.63 35.31 -21.83
C LEU C 107 5.36 36.12 -22.90
N GLN C 108 4.99 35.91 -24.16
CA GLN C 108 5.79 36.36 -25.30
C GLN C 108 7.20 35.78 -25.31
N LEU C 109 7.31 34.51 -24.95
CA LEU C 109 8.56 33.77 -24.99
C LEU C 109 8.44 32.66 -26.06
N ASP C 110 9.57 32.16 -26.53
CA ASP C 110 9.60 31.14 -27.58
C ASP C 110 9.47 29.71 -27.06
N TYR C 111 9.99 29.50 -25.86
CA TYR C 111 9.99 28.20 -25.22
C TYR C 111 9.84 28.43 -23.72
N VAL C 112 9.42 27.37 -23.01
CA VAL C 112 9.60 27.29 -21.56
C VAL C 112 10.75 26.33 -21.29
N ASP C 113 11.45 26.55 -20.20
CA ASP C 113 12.53 25.64 -19.82
C ASP C 113 12.01 24.31 -19.26
N LEU C 114 10.85 24.37 -18.62
CA LEU C 114 10.22 23.21 -18.03
C LEU C 114 8.73 23.38 -18.07
N TYR C 115 8.02 22.31 -18.39
CA TYR C 115 6.56 22.29 -18.38
C TYR C 115 6.14 21.07 -17.58
N LEU C 116 5.32 21.28 -16.57
CA LEU C 116 4.88 20.21 -15.68
C LEU C 116 3.40 19.91 -15.82
N LEU C 117 3.02 18.67 -15.56
CA LEU C 117 1.63 18.33 -15.28
C LEU C 117 1.38 18.78 -13.82
N HIS C 118 0.48 19.73 -13.64
CA HIS C 118 0.32 20.41 -12.34
C HIS C 118 -0.13 19.46 -11.23
N PHE C 119 -0.98 18.50 -11.59
CA PHE C 119 -1.44 17.42 -10.72
C PHE C 119 -1.66 16.17 -11.60
N PRO C 120 -1.72 14.98 -10.98
CA PRO C 120 -2.14 13.78 -11.72
C PRO C 120 -3.65 13.61 -11.93
N MET C 121 -4.44 14.62 -11.64
CA MET C 121 -5.90 14.54 -11.65
C MET C 121 -6.51 15.39 -12.75
N ALA C 122 -7.19 14.77 -13.72
CA ALA C 122 -7.85 15.49 -14.80
C ALA C 122 -9.22 15.97 -14.33
N LEU C 123 -9.53 17.22 -14.66
CA LEU C 123 -10.79 17.87 -14.31
C LEU C 123 -11.53 18.25 -15.60
N LYS C 124 -12.82 18.49 -15.48
CA LYS C 124 -13.69 18.82 -16.63
C LYS C 124 -13.15 20.01 -17.45
N PRO C 125 -13.02 19.83 -18.78
CA PRO C 125 -12.56 20.91 -19.68
C PRO C 125 -13.46 22.16 -19.68
N GLY C 126 -12.83 23.34 -19.71
CA GLY C 126 -13.54 24.61 -19.63
C GLY C 126 -12.66 25.73 -19.09
N GLU C 127 -13.26 26.91 -18.97
CA GLU C 127 -12.55 28.14 -18.59
C GLU C 127 -12.42 28.27 -17.07
N THR C 128 -13.21 27.49 -16.31
CA THR C 128 -13.11 27.46 -14.84
C THR C 128 -12.09 26.41 -14.43
N PRO C 129 -11.03 26.80 -13.69
CA PRO C 129 -10.05 25.80 -13.29
C PRO C 129 -10.58 24.74 -12.33
N LEU C 130 -11.53 25.10 -11.47
CA LEU C 130 -12.19 24.13 -10.59
C LEU C 130 -13.69 24.13 -10.87
N PRO C 131 -14.10 23.44 -11.94
CA PRO C 131 -15.52 23.41 -12.34
C PRO C 131 -16.35 22.61 -11.34
N LYS C 132 -17.49 23.15 -10.93
CA LYS C 132 -18.34 22.49 -9.92
C LYS C 132 -19.70 22.14 -10.52
N ASP C 133 -20.43 21.26 -9.83
CA ASP C 133 -21.80 20.89 -10.20
C ASP C 133 -22.83 21.65 -9.36
N GLU C 134 -24.12 21.30 -9.49
CA GLU C 134 -25.22 21.95 -8.78
C GLU C 134 -25.01 22.00 -7.24
N ASN C 135 -24.26 21.05 -6.69
CA ASN C 135 -23.99 20.99 -5.24
C ASN C 135 -22.59 21.48 -4.80
N GLY C 136 -21.89 22.18 -5.68
CA GLY C 136 -20.57 22.72 -5.35
C GLY C 136 -19.44 21.70 -5.23
N LYS C 137 -19.60 20.53 -5.85
CA LYS C 137 -18.57 19.49 -5.87
C LYS C 137 -17.80 19.60 -7.20
N VAL C 138 -16.48 19.46 -7.14
CA VAL C 138 -15.65 19.58 -8.35
C VAL C 138 -15.92 18.42 -9.33
N ILE C 139 -16.10 18.76 -10.61
CA ILE C 139 -16.38 17.76 -11.65
C ILE C 139 -15.08 17.20 -12.24
N PHE C 140 -14.88 15.90 -12.11
CA PHE C 140 -13.68 15.21 -12.58
C PHE C 140 -13.79 14.85 -14.04
N ASP C 141 -12.67 14.43 -14.64
CA ASP C 141 -12.65 13.96 -16.03
C ASP C 141 -11.85 12.67 -16.01
N THR C 142 -12.05 11.83 -17.03
CA THR C 142 -11.34 10.55 -17.17
CA THR C 142 -11.35 10.56 -17.18
C THR C 142 -10.45 10.60 -18.41
N VAL C 143 -9.14 10.78 -18.18
CA VAL C 143 -8.14 10.84 -19.24
C VAL C 143 -7.03 9.86 -18.90
N ASP C 144 -6.56 9.12 -19.90
CA ASP C 144 -5.39 8.25 -19.78
C ASP C 144 -4.13 9.13 -19.71
N LEU C 145 -3.50 9.15 -18.55
CA LEU C 145 -2.27 9.93 -18.30
C LEU C 145 -1.12 9.67 -19.29
N SER C 146 -1.07 8.45 -19.81
CA SER C 146 -0.09 8.08 -20.82
C SER C 146 -0.32 8.87 -22.08
N ALA C 147 -1.59 9.08 -22.42
CA ALA C 147 -1.98 9.89 -23.58
C ALA C 147 -1.58 11.36 -23.36
N THR C 148 -1.82 11.88 -22.16
CA THR C 148 -1.39 13.24 -21.82
C THR C 148 0.13 13.40 -21.85
N TRP C 149 0.85 12.40 -21.35
CA TRP C 149 2.31 12.43 -21.31
C TRP C 149 2.91 12.40 -22.73
N GLU C 150 2.34 11.62 -23.63
CA GLU C 150 2.83 11.58 -25.02
C GLU C 150 2.78 12.94 -25.73
N VAL C 151 1.83 13.79 -25.38
CA VAL C 151 1.76 15.11 -25.99
C VAL C 151 2.76 16.06 -25.31
N MET C 152 3.02 15.86 -24.02
CA MET C 152 4.12 16.56 -23.33
C MET C 152 5.45 16.23 -24.02
N GLU C 153 5.68 14.94 -24.28
CA GLU C 153 6.83 14.51 -25.07
C GLU C 153 6.90 15.18 -26.43
N LYS C 154 5.75 15.34 -27.08
CA LYS C 154 5.65 15.99 -28.39
C LYS C 154 5.97 17.49 -28.33
N CYS C 155 5.61 18.15 -27.23
CA CYS C 155 5.98 19.54 -26.98
C CYS C 155 7.49 19.69 -26.81
N LYS C 156 8.16 18.72 -26.18
CA LYS C 156 9.64 18.70 -26.12
C LYS C 156 10.24 18.53 -27.52
N ASP C 157 9.71 17.58 -28.29
CA ASP C 157 10.19 17.33 -29.66
C ASP C 157 9.91 18.47 -30.64
N ALA C 158 8.85 19.22 -30.38
CA ALA C 158 8.48 20.40 -31.18
C ALA C 158 9.33 21.66 -30.86
N GLY C 159 10.10 21.63 -29.78
CA GLY C 159 10.95 22.74 -29.41
C GLY C 159 10.30 23.80 -28.52
N LEU C 160 9.19 23.44 -27.87
CA LEU C 160 8.37 24.40 -27.12
C LEU C 160 8.68 24.36 -25.63
N ALA C 161 9.11 23.20 -25.14
CA ALA C 161 9.58 22.97 -23.78
C ALA C 161 10.95 22.29 -23.90
N LYS C 162 11.95 22.81 -23.21
CA LYS C 162 13.26 22.17 -23.18
C LYS C 162 13.21 20.87 -22.40
N SER C 163 12.55 20.92 -21.24
CA SER C 163 12.36 19.76 -20.35
C SER C 163 10.89 19.60 -19.94
N ILE C 164 10.50 18.37 -19.60
CA ILE C 164 9.15 18.09 -19.11
C ILE C 164 9.24 17.30 -17.79
N GLY C 165 8.28 17.56 -16.90
CA GLY C 165 8.21 16.85 -15.63
C GLY C 165 6.80 16.84 -15.07
N VAL C 166 6.68 16.51 -13.79
CA VAL C 166 5.37 16.38 -13.14
C VAL C 166 5.40 17.08 -11.78
N SER C 167 4.24 17.16 -11.17
CA SER C 167 4.06 17.87 -9.90
C SER C 167 2.98 17.15 -9.11
N ASN C 168 3.23 16.96 -7.80
CA ASN C 168 2.26 16.34 -6.90
C ASN C 168 1.90 14.89 -7.26
N PHE C 169 2.86 14.19 -7.85
CA PHE C 169 2.72 12.77 -8.14
C PHE C 169 3.22 11.93 -6.99
N ASN C 170 2.55 10.81 -6.75
CA ASN C 170 3.06 9.82 -5.83
C ASN C 170 3.89 8.77 -6.56
N TYR C 171 4.52 7.88 -5.79
CA TYR C 171 5.38 6.80 -6.30
C TYR C 171 4.70 5.99 -7.45
N ARG C 172 3.48 5.50 -7.20
CA ARG C 172 2.79 4.65 -8.17
C ARG C 172 2.42 5.40 -9.44
N GLN C 173 2.15 6.71 -9.33
CA GLN C 173 1.82 7.52 -10.48
C GLN C 173 3.09 7.82 -11.33
N LEU C 174 4.22 7.97 -10.66
CA LEU C 174 5.49 8.12 -11.35
C LEU C 174 5.82 6.83 -12.11
N GLU C 175 5.66 5.68 -11.46
CA GLU C 175 5.81 4.37 -12.08
C GLU C 175 4.96 4.15 -13.36
N MET C 176 3.72 4.66 -13.38
CA MET C 176 2.85 4.59 -14.56
C MET C 176 3.49 5.23 -15.77
N ILE C 177 4.21 6.33 -15.56
CA ILE C 177 4.90 7.01 -16.64
C ILE C 177 6.20 6.27 -16.97
N LEU C 178 6.98 5.94 -15.94
CA LEU C 178 8.30 5.33 -16.15
C LEU C 178 8.21 3.97 -16.86
N ASN C 179 7.11 3.25 -16.65
CA ASN C 179 6.91 1.91 -17.20
C ASN C 179 5.93 1.83 -18.39
N LYS C 180 5.57 2.96 -18.97
CA LYS C 180 4.66 2.95 -20.12
C LYS C 180 5.45 2.50 -21.35
N PRO C 181 4.85 1.65 -22.19
CA PRO C 181 5.48 1.23 -23.45
C PRO C 181 5.82 2.41 -24.35
N GLY C 182 7.04 2.41 -24.89
CA GLY C 182 7.49 3.47 -25.79
C GLY C 182 7.73 4.80 -25.13
N LEU C 183 8.01 4.80 -23.83
CA LEU C 183 8.36 6.05 -23.15
C LEU C 183 9.54 6.68 -23.87
N LYS C 184 9.40 7.93 -24.28
CA LYS C 184 10.49 8.63 -24.95
C LYS C 184 11.29 9.47 -23.95
N TYR C 185 10.59 10.21 -23.10
CA TYR C 185 11.27 11.07 -22.12
C TYR C 185 10.71 10.84 -20.73
N LYS C 186 11.55 10.48 -19.79
CA LYS C 186 11.06 10.42 -18.42
C LYS C 186 10.96 11.81 -17.83
N PRO C 187 10.13 11.97 -16.81
CA PRO C 187 10.03 13.28 -16.18
C PRO C 187 11.38 13.66 -15.53
N VAL C 188 11.75 14.92 -15.68
CA VAL C 188 13.02 15.39 -15.12
C VAL C 188 12.91 15.62 -13.62
N CYS C 189 11.68 15.92 -13.18
CA CYS C 189 11.42 16.25 -11.78
C CYS C 189 10.03 15.87 -11.35
N ASN C 190 9.85 15.84 -10.03
CA ASN C 190 8.54 15.82 -9.38
C ASN C 190 8.51 16.94 -8.33
N GLN C 191 7.72 17.97 -8.60
CA GLN C 191 7.62 19.10 -7.71
C GLN C 191 6.51 18.81 -6.68
N VAL C 192 6.91 18.67 -5.42
CA VAL C 192 6.00 18.28 -4.35
C VAL C 192 6.22 19.15 -3.12
N GLU C 193 5.20 19.22 -2.26
CA GLU C 193 5.34 19.85 -0.95
C GLU C 193 6.47 19.19 -0.19
N CYS C 194 7.37 20.01 0.34
CA CYS C 194 8.50 19.48 1.09
C CYS C 194 9.10 20.52 2.02
N HIS C 195 9.19 20.16 3.30
CA HIS C 195 9.68 21.05 4.36
C HIS C 195 10.00 20.14 5.56
N PRO C 196 10.65 20.68 6.61
CA PRO C 196 11.01 19.85 7.76
C PRO C 196 9.89 19.04 8.44
N TYR C 197 8.62 19.42 8.29
CA TYR C 197 7.49 18.68 8.85
C TYR C 197 6.98 17.57 7.92
N LEU C 198 7.34 17.66 6.65
CA LEU C 198 7.01 16.69 5.61
C LEU C 198 8.23 16.61 4.68
N ASN C 199 9.26 15.87 5.09
CA ASN C 199 10.53 15.89 4.38
C ASN C 199 10.65 14.93 3.18
N GLN C 200 9.63 14.09 2.95
CA GLN C 200 9.50 13.26 1.74
C GLN C 200 10.66 12.27 1.54
N SER C 201 11.26 11.80 2.64
CA SER C 201 12.46 10.95 2.55
C SER C 201 12.25 9.77 1.62
N LYS C 202 11.08 9.15 1.73
CA LYS C 202 10.74 7.94 0.97
C LYS C 202 10.58 8.23 -0.52
N LEU C 203 9.83 9.29 -0.85
CA LEU C 203 9.62 9.71 -2.23
C LEU C 203 10.90 10.28 -2.83
N LEU C 204 11.71 10.96 -2.03
CA LEU C 204 13.02 11.44 -2.42
C LEU C 204 14.00 10.29 -2.74
N ASP C 205 14.02 9.26 -1.91
CA ASP C 205 14.92 8.12 -2.17
C ASP C 205 14.51 7.43 -3.45
N PHE C 206 13.20 7.35 -3.68
CA PHE C 206 12.68 6.75 -4.90
C PHE C 206 13.05 7.57 -6.16
N CYS C 207 12.80 8.86 -6.11
CA CYS C 207 13.14 9.74 -7.21
C CYS C 207 14.63 9.73 -7.54
N LYS C 208 15.49 9.79 -6.51
CA LYS C 208 16.94 9.65 -6.70
C LYS C 208 17.27 8.35 -7.45
N SER C 209 16.65 7.24 -7.03
CA SER C 209 16.81 5.93 -7.70
C SER C 209 16.45 5.93 -9.18
N LYS C 210 15.64 6.88 -9.61
CA LYS C 210 15.21 7.00 -11.00
C LYS C 210 15.76 8.24 -11.72
N ASP C 211 16.67 8.96 -11.06
CA ASP C 211 17.26 10.20 -11.58
C ASP C 211 16.20 11.27 -11.92
N ILE C 212 15.21 11.37 -11.04
CA ILE C 212 14.20 12.44 -11.06
C ILE C 212 14.57 13.36 -9.88
N VAL C 213 14.64 14.66 -10.13
CA VAL C 213 14.93 15.60 -9.05
CA VAL C 213 14.92 15.66 -9.11
C VAL C 213 13.64 15.90 -8.32
N LEU C 214 13.72 15.96 -6.99
CA LEU C 214 12.58 16.37 -6.20
C LEU C 214 12.72 17.88 -6.06
N VAL C 215 11.74 18.61 -6.56
CA VAL C 215 11.66 20.06 -6.37
C VAL C 215 10.65 20.35 -5.24
N ALA C 216 11.09 21.08 -4.23
CA ALA C 216 10.28 21.42 -3.05
C ALA C 216 9.45 22.69 -3.24
N HIS C 217 8.13 22.54 -3.24
CA HIS C 217 7.22 23.67 -3.11
C HIS C 217 6.77 23.75 -1.67
N SER C 218 6.22 24.90 -1.29
CA SER C 218 5.77 25.12 0.09
C SER C 218 6.89 24.90 1.13
N ALA C 219 8.11 25.25 0.74
CA ALA C 219 9.32 24.93 1.51
C ALA C 219 9.41 25.72 2.81
N LEU C 220 8.71 26.84 2.87
CA LEU C 220 8.63 27.67 4.08
C LEU C 220 7.27 27.53 4.79
N GLY C 221 6.52 26.47 4.47
CA GLY C 221 5.28 26.13 5.16
C GLY C 221 4.02 26.79 4.60
N THR C 222 4.08 27.13 3.32
CA THR C 222 3.00 27.80 2.60
C THR C 222 2.82 29.26 3.01
N GLN C 223 2.07 30.00 2.18
CA GLN C 223 1.65 31.36 2.51
C GLN C 223 0.32 31.39 3.29
N ARG C 224 -0.17 30.19 3.62
CA ARG C 224 -1.26 29.98 4.56
C ARG C 224 -2.55 30.70 4.13
N HIS C 225 -2.85 30.65 2.84
CA HIS C 225 -4.08 31.29 2.33
C HIS C 225 -5.33 30.39 2.47
N LYS C 226 -6.48 30.96 2.83
CA LYS C 226 -7.71 30.17 3.05
C LYS C 226 -8.17 29.32 1.84
N LEU C 227 -7.73 29.65 0.63
CA LEU C 227 -8.06 28.88 -0.59
C LEU C 227 -7.44 27.49 -0.60
N TRP C 228 -6.28 27.35 0.05
CA TRP C 228 -5.49 26.12 -0.06
C TRP C 228 -5.13 25.45 1.29
N VAL C 229 -5.13 26.23 2.38
CA VAL C 229 -4.48 25.85 3.63
C VAL C 229 -5.33 26.21 4.85
N ASP C 230 -5.44 25.26 5.78
CA ASP C 230 -6.24 25.43 6.97
C ASP C 230 -5.49 26.38 7.91
N PRO C 231 -6.16 27.46 8.37
CA PRO C 231 -5.50 28.39 9.30
C PRO C 231 -5.05 27.80 10.64
N ASN C 232 -5.63 26.66 11.04
CA ASN C 232 -5.29 26.05 12.31
C ASN C 232 -4.05 25.17 12.23
N SER C 233 -3.54 24.97 11.01
CA SER C 233 -2.29 24.24 10.85
C SER C 233 -1.16 24.94 11.62
N PRO C 234 -0.15 24.18 12.07
CA PRO C 234 0.96 24.80 12.78
C PRO C 234 1.81 25.68 11.86
N VAL C 235 2.38 26.74 12.41
CA VAL C 235 3.21 27.66 11.64
C VAL C 235 4.64 27.11 11.64
N LEU C 236 5.09 26.59 10.50
CA LEU C 236 6.44 25.98 10.42
C LEU C 236 7.52 26.91 10.93
N LEU C 237 7.53 28.16 10.45
CA LEU C 237 8.64 29.07 10.73
C LEU C 237 8.68 29.55 12.19
N GLU C 238 7.67 29.19 12.97
CA GLU C 238 7.64 29.49 14.42
C GLU C 238 8.12 28.32 15.27
N ASP C 239 8.59 27.26 14.63
CA ASP C 239 9.11 26.10 15.34
C ASP C 239 10.35 26.45 16.19
N PRO C 240 10.30 26.18 17.52
CA PRO C 240 11.41 26.53 18.40
C PRO C 240 12.76 25.94 18.04
N VAL C 241 12.76 24.76 17.44
CA VAL C 241 14.00 24.12 16.99
C VAL C 241 14.59 24.79 15.75
N LEU C 242 13.76 25.15 14.79
CA LEU C 242 14.22 25.92 13.63
C LEU C 242 14.74 27.28 14.04
N CYS C 243 14.04 27.94 14.96
CA CYS C 243 14.47 29.22 15.50
C CYS C 243 15.80 29.15 16.26
N ALA C 244 16.05 28.06 16.98
CA ALA C 244 17.32 27.86 17.70
C ALA C 244 18.49 27.74 16.73
N LEU C 245 18.28 26.97 15.65
CA LEU C 245 19.32 26.80 14.62
C LEU C 245 19.56 28.10 13.87
N ALA C 246 18.50 28.88 13.63
CA ALA C 246 18.63 30.21 13.03
C ALA C 246 19.45 31.17 13.90
N LYS C 247 19.21 31.18 15.21
CA LYS C 247 19.94 32.05 16.14
C LYS C 247 21.42 31.65 16.19
N LYS C 248 21.68 30.34 16.25
CA LYS C 248 23.04 29.77 16.20
C LYS C 248 23.82 30.27 14.98
N HIS C 249 23.19 30.23 13.81
CA HIS C 249 23.84 30.60 12.56
C HIS C 249 23.78 32.11 12.24
N LYS C 250 23.08 32.87 13.08
CA LYS C 250 22.80 34.29 12.85
C LYS C 250 22.11 34.49 11.51
N ARG C 251 21.11 33.64 11.28
CA ARG C 251 20.26 33.63 10.10
C ARG C 251 18.78 33.71 10.52
N THR C 252 17.87 33.28 9.66
CA THR C 252 16.45 33.27 9.96
C THR C 252 15.91 31.85 9.78
N PRO C 253 14.76 31.54 10.41
CA PRO C 253 14.12 30.24 10.24
C PRO C 253 13.87 29.84 8.78
N ALA C 254 13.45 30.79 7.95
CA ALA C 254 13.29 30.59 6.51
C ALA C 254 14.59 30.15 5.84
N LEU C 255 15.70 30.79 6.17
CA LEU C 255 16.99 30.40 5.59
C LEU C 255 17.43 29.01 6.03
N ILE C 256 17.10 28.62 7.26
CA ILE C 256 17.39 27.26 7.73
C ILE C 256 16.58 26.23 6.94
N ALA C 257 15.30 26.52 6.70
CA ALA C 257 14.40 25.62 5.96
C ALA C 257 14.78 25.46 4.48
N LEU C 258 15.28 26.53 3.88
CA LEU C 258 15.80 26.52 2.52
C LEU C 258 17.13 25.74 2.41
N ARG C 259 18.06 26.02 3.32
CA ARG C 259 19.39 25.40 3.30
C ARG C 259 19.32 23.88 3.58
N TYR C 260 18.40 23.49 4.45
CA TYR C 260 18.08 22.08 4.69
C TYR C 260 17.88 21.34 3.39
N GLN C 261 17.05 21.89 2.51
CA GLN C 261 16.74 21.27 1.23
C GLN C 261 17.95 21.25 0.30
N LEU C 262 18.69 22.34 0.21
CA LEU C 262 19.88 22.33 -0.63
C LEU C 262 20.89 21.25 -0.23
N GLN C 263 21.10 21.03 1.06
CA GLN C 263 22.13 20.08 1.52
C GLN C 263 21.69 18.62 1.42
N ARG C 264 20.41 18.36 1.18
CA ARG C 264 19.91 17.02 0.98
C ARG C 264 19.57 16.69 -0.48
N GLY C 265 19.99 17.56 -1.38
CA GLY C 265 19.86 17.32 -2.81
C GLY C 265 18.50 17.61 -3.38
N VAL C 266 17.76 18.52 -2.74
CA VAL C 266 16.42 18.90 -3.19
C VAL C 266 16.53 20.31 -3.79
N VAL C 267 15.92 20.54 -4.94
CA VAL C 267 15.83 21.86 -5.53
C VAL C 267 14.67 22.57 -4.82
N VAL C 268 14.85 23.82 -4.40
CA VAL C 268 13.88 24.45 -3.48
C VAL C 268 13.37 25.78 -4.04
N LEU C 269 12.05 25.95 -4.03
CA LEU C 269 11.39 27.22 -4.38
C LEU C 269 11.12 28.05 -3.12
N ALA C 270 11.19 29.36 -3.27
CA ALA C 270 10.73 30.27 -2.22
C ALA C 270 9.99 31.45 -2.84
N LYS C 271 8.73 31.64 -2.44
CA LYS C 271 7.95 32.81 -2.86
C LYS C 271 8.09 33.96 -1.88
N SER C 272 8.38 35.15 -2.38
CA SER C 272 8.28 36.37 -1.60
C SER C 272 7.91 37.52 -2.54
N TYR C 273 6.96 38.34 -2.10
CA TYR C 273 6.61 39.60 -2.75
C TYR C 273 7.15 40.80 -1.94
N ASN C 274 8.11 40.56 -1.06
CA ASN C 274 8.74 41.58 -0.24
C ASN C 274 10.22 41.77 -0.64
N GLU C 275 10.64 43.01 -0.87
CA GLU C 275 11.97 43.26 -1.39
C GLU C 275 13.09 42.73 -0.49
N GLN C 276 12.91 42.94 0.82
CA GLN C 276 13.91 42.55 1.82
C GLN C 276 14.05 41.04 1.91
N ARG C 277 12.94 40.32 1.84
CA ARG C 277 12.96 38.88 1.99
C ARG C 277 13.39 38.17 0.71
N ILE C 278 13.04 38.74 -0.44
CA ILE C 278 13.61 38.30 -1.72
C ILE C 278 15.15 38.29 -1.64
N ARG C 279 15.74 39.40 -1.22
CA ARG C 279 17.18 39.54 -1.06
C ARG C 279 17.75 38.60 0.05
N GLU C 280 16.97 38.38 1.11
CA GLU C 280 17.39 37.49 2.20
C GLU C 280 17.48 36.04 1.73
N ASN C 281 16.47 35.60 0.99
CA ASN C 281 16.36 34.22 0.59
C ASN C 281 17.51 33.72 -0.29
N ILE C 282 18.05 34.58 -1.15
CA ILE C 282 19.20 34.19 -1.96
C ILE C 282 20.50 34.15 -1.12
N GLN C 283 20.44 34.57 0.14
CA GLN C 283 21.57 34.40 1.08
C GLN C 283 21.69 32.97 1.64
N VAL C 284 20.80 32.07 1.22
CA VAL C 284 20.94 30.65 1.50
C VAL C 284 22.30 30.10 1.04
N PHE C 285 22.90 30.71 0.02
CA PHE C 285 24.19 30.23 -0.50
C PHE C 285 25.39 30.71 0.31
N GLU C 286 25.15 31.49 1.35
CA GLU C 286 26.21 32.14 2.13
C GLU C 286 26.60 31.42 3.41
N PHE C 287 25.84 30.41 3.81
CA PHE C 287 26.18 29.68 5.01
C PHE C 287 25.95 28.20 4.78
N GLN C 288 26.44 27.37 5.70
CA GLN C 288 26.25 25.93 5.69
C GLN C 288 25.69 25.47 7.05
N LEU C 289 24.85 24.43 7.00
CA LEU C 289 24.42 23.69 8.18
C LEU C 289 25.38 22.52 8.42
N THR C 290 25.63 22.19 9.69
CA THR C 290 26.51 21.08 10.02
CA THR C 290 26.51 21.08 10.02
C THR C 290 25.77 19.75 9.80
N SER C 291 26.52 18.66 9.78
CA SER C 291 25.96 17.30 9.76
C SER C 291 24.99 17.11 10.93
N GLU C 292 25.34 17.71 12.06
CA GLU C 292 24.55 17.63 13.28
C GLU C 292 23.25 18.40 13.15
N ASP C 293 23.32 19.59 12.55
CA ASP C 293 22.12 20.38 12.28
C ASP C 293 21.18 19.61 11.39
N MET C 294 21.71 18.97 10.34
CA MET C 294 20.88 18.22 9.40
C MET C 294 20.16 17.04 10.01
N LYS C 295 20.79 16.38 10.97
CA LYS C 295 20.21 15.22 11.63
C LYS C 295 19.12 15.69 12.62
N VAL C 296 19.30 16.86 13.24
CA VAL C 296 18.24 17.50 14.05
C VAL C 296 17.03 17.88 13.20
N LEU C 297 17.29 18.50 12.05
CA LEU C 297 16.21 18.90 11.12
C LEU C 297 15.46 17.71 10.54
N ASP C 298 16.15 16.60 10.30
CA ASP C 298 15.47 15.36 9.93
C ASP C 298 14.48 14.92 11.02
N GLY C 299 14.81 15.20 12.27
CA GLY C 299 13.99 14.79 13.42
C GLY C 299 12.70 15.56 13.63
N LEU C 300 12.54 16.64 12.87
CA LEU C 300 11.30 17.41 12.85
C LEU C 300 10.18 16.77 12.00
N ASN C 301 10.53 15.78 11.18
CA ASN C 301 9.55 15.14 10.31
C ASN C 301 8.39 14.53 11.08
N ARG C 302 7.17 14.92 10.70
CA ARG C 302 5.94 14.38 11.30
C ARG C 302 4.85 14.06 10.29
N ASN C 303 5.19 14.02 9.00
CA ASN C 303 4.22 13.83 7.93
C ASN C 303 3.04 14.85 7.92
N TYR C 304 3.30 16.11 8.30
CA TYR C 304 2.26 17.13 8.24
C TYR C 304 2.16 17.77 6.86
N ARG C 305 1.03 17.57 6.19
CA ARG C 305 0.77 18.13 4.87
C ARG C 305 -0.18 19.33 4.96
N TYR C 306 0.26 20.47 4.42
CA TYR C 306 -0.53 21.70 4.35
C TYR C 306 -1.46 21.73 3.12
N VAL C 307 -0.92 21.34 1.97
CA VAL C 307 -1.64 21.38 0.70
C VAL C 307 -2.26 20.00 0.45
N VAL C 308 -3.41 19.79 1.10
CA VAL C 308 -4.15 18.54 1.08
C VAL C 308 -5.13 18.41 -0.11
N MET C 309 -5.58 19.54 -0.66
CA MET C 309 -6.54 19.56 -1.75
C MET C 309 -7.79 18.72 -1.41
N ASP C 310 -8.33 18.96 -0.21
CA ASP C 310 -9.57 18.36 0.31
C ASP C 310 -10.65 18.04 -0.70
N PHE C 311 -10.96 19.04 -1.50
CA PHE C 311 -12.07 19.00 -2.45
C PHE C 311 -11.87 17.97 -3.58
N LEU C 312 -10.62 17.54 -3.77
CA LEU C 312 -10.23 16.57 -4.82
C LEU C 312 -10.02 15.14 -4.29
N MET C 313 -10.41 14.88 -3.05
CA MET C 313 -10.13 13.59 -2.39
C MET C 313 -10.87 12.39 -2.96
N ASP C 314 -12.04 12.63 -3.54
CA ASP C 314 -12.80 11.56 -4.17
C ASP C 314 -12.33 11.27 -5.62
N HIS C 315 -11.32 11.98 -6.10
CA HIS C 315 -10.80 11.75 -7.46
C HIS C 315 -10.07 10.41 -7.43
N PRO C 316 -10.30 9.55 -8.44
CA PRO C 316 -9.58 8.26 -8.48
C PRO C 316 -8.06 8.40 -8.43
N ASP C 317 -7.55 9.51 -8.96
CA ASP C 317 -6.11 9.73 -9.01
C ASP C 317 -5.61 10.71 -7.94
N TYR C 318 -6.42 10.91 -6.90
CA TYR C 318 -5.97 11.67 -5.74
C TYR C 318 -4.63 11.10 -5.23
N PRO C 319 -3.56 11.92 -5.24
CA PRO C 319 -2.20 11.43 -4.97
C PRO C 319 -1.79 11.19 -3.52
N PHE C 320 -2.49 11.79 -2.57
CA PHE C 320 -2.00 11.87 -1.20
C PHE C 320 -2.56 10.83 -0.24
N SER C 321 -3.36 9.87 -0.74
CA SER C 321 -3.85 8.74 0.07
C SER C 321 -2.76 7.70 0.32
N ASP C 322 -1.97 7.44 -0.72
CA ASP C 322 -0.86 6.49 -0.61
C ASP C 322 0.15 7.00 0.41
N GLU C 323 0.93 6.09 0.92
CA GLU C 323 1.94 6.39 1.92
C GLU C 323 2.93 7.38 1.33
N TYR C 324 3.45 7.07 0.14
CA TYR C 324 4.22 8.01 -0.63
C TYR C 324 3.98 7.74 -2.12
PA NAP D . -10.22 -13.19 24.68
O1A NAP D . -9.21 -13.32 23.62
O2A NAP D . -9.93 -12.36 25.87
O5B NAP D . -10.51 -14.71 25.10
C5B NAP D . -11.62 -15.09 25.81
C4B NAP D . -11.79 -16.56 25.72
O4B NAP D . -10.70 -17.12 26.48
C3B NAP D . -13.10 -16.91 26.44
O3B NAP D . -13.76 -18.00 25.77
C2B NAP D . -12.64 -17.33 27.82
O2B NAP D . -13.49 -18.33 28.32
C1B NAP D . -11.29 -17.95 27.53
N9A NAP D . -10.33 -17.85 28.68
C8A NAP D . -10.14 -16.76 29.46
N7A NAP D . -9.20 -17.02 30.35
C5A NAP D . -8.79 -18.30 30.13
C6A NAP D . -7.84 -19.12 30.75
N6A NAP D . -7.12 -18.65 31.79
N1A NAP D . -7.69 -20.39 30.28
C2A NAP D . -8.41 -20.86 29.24
N3A NAP D . -9.32 -20.09 28.63
C4A NAP D . -9.52 -18.82 29.07
O3 NAP D . -11.59 -12.84 23.91
PN NAP D . -12.63 -11.66 23.83
O1N NAP D . -13.58 -11.77 24.95
O2N NAP D . -13.10 -11.83 22.44
O5D NAP D . -11.89 -10.25 23.88
C5D NAP D . -11.47 -9.68 25.13
C4D NAP D . -12.18 -8.35 25.39
O4D NAP D . -11.68 -7.53 24.35
C3D NAP D . -13.68 -8.31 25.15
O3D NAP D . -14.39 -8.74 26.30
C2D NAP D . -13.87 -6.83 24.97
O2D NAP D . -13.72 -6.20 26.27
C1D NAP D . -12.67 -6.50 24.10
N1N NAP D . -12.86 -6.58 22.63
C2N NAP D . -12.88 -5.37 21.90
C3N NAP D . -13.06 -5.37 20.53
C7N NAP D . -13.05 -4.07 19.76
O7N NAP D . -13.40 -4.02 18.59
N7N NAP D . -12.59 -3.01 20.40
C4N NAP D . -13.22 -6.57 19.85
C5N NAP D . -13.20 -7.78 20.55
C6N NAP D . -13.04 -7.79 21.93
P2B NAP D . -14.14 -18.21 29.79
O1X NAP D . -15.11 -16.93 29.71
O2X NAP D . -15.08 -19.48 29.90
O3X NAP D . -13.15 -18.11 30.89
PA NAP E . 8.54 -16.81 -23.47
O1A NAP E . 8.82 -15.61 -22.65
O2A NAP E . 8.86 -18.17 -22.94
O5B NAP E . 9.42 -16.63 -24.79
C5B NAP E . 8.98 -17.22 -25.99
C4B NAP E . 9.60 -16.55 -27.20
O4B NAP E . 11.05 -16.69 -27.18
C3B NAP E . 9.08 -17.26 -28.45
O3B NAP E . 8.87 -16.26 -29.46
C2B NAP E . 10.20 -18.21 -28.80
O2B NAP E . 10.28 -18.32 -30.22
C1B NAP E . 11.46 -17.48 -28.34
N9A NAP E . 12.60 -18.38 -27.92
C8A NAP E . 12.51 -19.55 -27.25
N7A NAP E . 13.73 -20.06 -27.03
C5A NAP E . 14.63 -19.20 -27.59
C6A NAP E . 16.02 -19.21 -27.69
N6A NAP E . 16.74 -20.22 -27.16
N1A NAP E . 16.61 -18.20 -28.34
C2A NAP E . 15.90 -17.20 -28.86
N3A NAP E . 14.57 -17.16 -28.79
C4A NAP E . 13.91 -18.15 -28.15
O3 NAP E . 7.07 -16.59 -24.11
PN NAP E . 5.60 -17.06 -23.77
O1N NAP E . 5.25 -18.11 -24.77
O2N NAP E . 4.78 -15.83 -23.73
O5D NAP E . 5.65 -17.73 -22.28
C5D NAP E . 6.08 -19.08 -22.03
C4D NAP E . 4.98 -19.99 -21.45
O4D NAP E . 4.56 -19.47 -20.17
C3D NAP E . 3.69 -19.98 -22.31
O3D NAP E . 3.81 -20.85 -23.44
C2D NAP E . 2.70 -20.50 -21.30
O2D NAP E . 2.92 -21.89 -21.07
C1D NAP E . 3.12 -19.72 -20.05
N1N NAP E . 2.39 -18.42 -19.85
C2N NAP E . 1.45 -18.33 -18.81
C3N NAP E . 0.76 -17.15 -18.59
C7N NAP E . -0.24 -17.09 -17.44
O7N NAP E . -1.12 -16.23 -17.41
N7N NAP E . -0.06 -17.99 -16.47
C4N NAP E . 0.99 -16.04 -19.39
C5N NAP E . 1.92 -16.11 -20.43
C6N NAP E . 2.62 -17.29 -20.67
P2B NAP E . 10.17 -19.76 -30.99
O1X NAP E . 10.20 -19.23 -32.49
O2X NAP E . 11.53 -20.55 -30.79
O3X NAP E . 8.97 -20.51 -30.58
PA NAP F . 6.38 29.27 0.53
O1A NAP F . 6.44 28.11 1.43
O2A NAP F . 7.42 29.38 -0.53
O5B NAP F . 6.47 30.66 1.37
C5B NAP F . 5.30 31.27 1.83
C4B NAP F . 5.49 32.52 2.69
O4B NAP F . 6.83 32.76 3.13
C3B NAP F . 5.03 33.78 1.96
O3B NAP F . 3.85 34.25 2.64
C2B NAP F . 6.20 34.76 2.12
O2B NAP F . 5.71 36.05 2.47
C1B NAP F . 6.98 34.17 3.30
N9A NAP F . 8.45 34.36 3.25
C8A NAP F . 9.26 34.28 2.18
N7A NAP F . 10.53 34.47 2.55
C5A NAP F . 10.53 34.66 3.88
C6A NAP F . 11.54 34.93 4.79
N6A NAP F . 12.82 35.02 4.40
N1A NAP F . 11.17 35.10 6.09
C2A NAP F . 9.90 35.00 6.47
N3A NAP F . 8.90 34.75 5.63
C4A NAP F . 9.21 34.58 4.32
O3 NAP F . 4.84 29.20 0.07
PN NAP F . 4.12 29.25 -1.39
O1N NAP F . 3.75 30.67 -1.64
O2N NAP F . 3.04 28.26 -1.32
O5D NAP F . 5.29 29.07 -2.43
C5D NAP F . 5.77 27.97 -3.05
C4D NAP F . 5.95 28.32 -4.52
O4D NAP F . 5.95 26.95 -5.02
C3D NAP F . 4.71 28.99 -5.14
O3D NAP F . 4.83 30.39 -5.39
C2D NAP F . 4.56 28.27 -6.46
O2D NAP F . 5.56 28.72 -7.39
C1D NAP F . 4.91 26.84 -6.02
N1N NAP F . 3.80 25.99 -5.55
C2N NAP F . 3.45 24.92 -6.41
C3N NAP F . 2.40 24.05 -6.07
C7N NAP F . 2.14 22.87 -7.00
O7N NAP F . 3.02 22.46 -7.78
N7N NAP F . 0.97 22.29 -6.87
C4N NAP F . 1.69 24.25 -4.88
C5N NAP F . 2.03 25.32 -4.05
C6N NAP F . 3.07 26.20 -4.37
P2B NAP F . 6.08 37.36 1.63
O1X NAP F . 5.48 38.57 2.48
O2X NAP F . 7.69 37.54 1.70
O3X NAP F . 5.51 37.29 0.29
#